data_2KYU
#
_entry.id   2KYU
#
loop_
_entity.id
_entity.type
_entity.pdbx_description
1 polymer 'Histone-lysine N-methyltransferase MLL'
2 non-polymer 'ZINC ION'
#
_entity_poly.entity_id   1
_entity_poly.type   'polypeptide(L)'
_entity_poly.pdbx_seq_one_letter_code
;GSAKGNFCPLCDKCYDDDDYESKMMQCGKCDRWVHSKCENLSDEMYEILSNLPESVAYTCVNCTERH
;
_entity_poly.pdbx_strand_id   A
#
loop_
_chem_comp.id
_chem_comp.type
_chem_comp.name
_chem_comp.formula
ZN non-polymer 'ZINC ION' 'Zn 2'
#
# COMPACT_ATOMS: atom_id res chain seq x y z
N GLY A 1 17.93 -11.24 2.35
CA GLY A 1 17.17 -9.96 2.46
C GLY A 1 16.76 -9.41 1.10
N SER A 2 15.57 -8.82 1.04
CA SER A 2 15.07 -8.26 -0.20
C SER A 2 15.69 -6.88 -0.46
N ALA A 3 15.91 -6.13 0.61
CA ALA A 3 16.50 -4.80 0.51
C ALA A 3 15.60 -3.86 -0.30
N LYS A 4 14.29 -4.11 -0.24
CA LYS A 4 13.33 -3.30 -0.96
C LYS A 4 12.29 -2.72 0.01
N GLY A 5 11.26 -2.09 -0.56
CA GLY A 5 10.21 -1.50 0.26
C GLY A 5 9.24 -0.68 -0.55
N ASN A 6 9.64 -0.29 -1.76
CA ASN A 6 8.78 0.51 -2.64
C ASN A 6 8.30 1.77 -1.94
N PHE A 7 7.56 2.60 -2.67
CA PHE A 7 7.05 3.85 -2.11
C PHE A 7 5.67 4.18 -2.67
N CYS A 8 4.85 4.83 -1.85
CA CYS A 8 3.50 5.22 -2.23
C CYS A 8 3.54 6.07 -3.51
N PRO A 9 2.68 5.72 -4.50
CA PRO A 9 2.60 6.40 -5.79
C PRO A 9 1.93 7.78 -5.73
N LEU A 10 1.44 8.15 -4.56
CA LEU A 10 0.79 9.45 -4.39
C LEU A 10 1.78 10.49 -3.86
N CYS A 11 2.48 10.13 -2.80
CA CYS A 11 3.45 11.02 -2.17
C CYS A 11 4.50 10.22 -1.39
N ASP A 12 4.03 9.28 -0.57
CA ASP A 12 4.89 8.44 0.25
C ASP A 12 5.90 9.26 1.02
N LYS A 13 5.43 10.37 1.58
CA LYS A 13 6.27 11.24 2.36
C LYS A 13 7.44 11.77 1.54
N CYS A 14 8.60 11.18 1.74
CA CYS A 14 9.80 11.57 1.02
C CYS A 14 10.96 10.66 1.37
N TYR A 15 11.25 9.69 0.49
CA TYR A 15 12.33 8.73 0.70
C TYR A 15 11.89 7.64 1.65
N ASP A 16 11.21 8.07 2.69
CA ASP A 16 10.69 7.17 3.71
C ASP A 16 11.82 6.40 4.38
N ASP A 17 12.42 7.03 5.40
CA ASP A 17 13.51 6.40 6.14
C ASP A 17 12.98 5.58 7.30
N ASP A 18 11.66 5.61 7.48
CA ASP A 18 11.02 4.85 8.54
C ASP A 18 9.92 3.96 7.98
N ASP A 19 10.25 3.25 6.90
CA ASP A 19 9.29 2.36 6.25
C ASP A 19 8.89 1.19 7.15
N TYR A 20 9.64 1.01 8.24
CA TYR A 20 9.35 -0.07 9.18
C TYR A 20 8.10 0.23 9.94
N GLU A 21 7.94 1.51 10.25
CA GLU A 21 6.78 1.99 10.97
C GLU A 21 5.84 2.71 10.01
N SER A 22 6.29 2.90 8.77
CA SER A 22 5.49 3.57 7.75
C SER A 22 4.36 2.67 7.28
N LYS A 23 3.18 2.89 7.82
CA LYS A 23 2.00 2.10 7.45
C LYS A 23 1.78 2.12 5.94
N MET A 24 2.38 1.17 5.24
CA MET A 24 2.24 1.09 3.78
C MET A 24 1.46 -0.17 3.39
N MET A 25 0.85 -0.14 2.22
CA MET A 25 0.07 -1.28 1.73
C MET A 25 0.75 -1.99 0.58
N GLN A 26 0.85 -3.31 0.68
CA GLN A 26 1.45 -4.12 -0.36
C GLN A 26 0.42 -4.51 -1.42
N CYS A 27 0.53 -3.94 -2.61
CA CYS A 27 -0.39 -4.24 -3.68
C CYS A 27 -0.36 -5.72 -4.05
N GLY A 28 -1.43 -6.22 -4.67
CA GLY A 28 -1.49 -7.61 -5.05
C GLY A 28 -1.19 -7.81 -6.52
N LYS A 29 -1.33 -6.72 -7.30
CA LYS A 29 -1.08 -6.76 -8.72
C LYS A 29 0.40 -6.51 -9.03
N CYS A 30 0.92 -5.38 -8.55
CA CYS A 30 2.32 -5.04 -8.78
C CYS A 30 3.12 -5.11 -7.48
N ASP A 31 2.46 -5.47 -6.40
CA ASP A 31 3.09 -5.59 -5.09
C ASP A 31 3.68 -4.26 -4.63
N ARG A 32 3.24 -3.17 -5.25
CA ARG A 32 3.73 -1.84 -4.88
C ARG A 32 3.15 -1.40 -3.54
N TRP A 33 3.95 -0.72 -2.76
CA TRP A 33 3.53 -0.25 -1.45
C TRP A 33 2.84 1.11 -1.52
N VAL A 34 1.59 1.18 -1.06
CA VAL A 34 0.85 2.44 -1.07
C VAL A 34 0.64 2.94 0.36
N HIS A 35 0.64 4.24 0.54
CA HIS A 35 0.48 4.81 1.86
C HIS A 35 -0.86 4.42 2.47
N SER A 36 -0.81 3.75 3.60
CA SER A 36 -2.02 3.32 4.28
C SER A 36 -2.88 4.52 4.65
N LYS A 37 -2.26 5.52 5.26
CA LYS A 37 -2.97 6.72 5.68
C LYS A 37 -3.24 7.67 4.51
N CYS A 38 -2.20 7.95 3.72
CA CYS A 38 -2.32 8.86 2.60
C CYS A 38 -3.33 8.33 1.56
N GLU A 39 -3.35 7.02 1.34
CA GLU A 39 -4.28 6.42 0.38
C GLU A 39 -5.72 6.47 0.90
N ASN A 40 -5.92 7.10 2.06
CA ASN A 40 -7.24 7.22 2.66
C ASN A 40 -7.78 5.87 3.13
N LEU A 41 -6.87 4.99 3.53
CA LEU A 41 -7.25 3.67 4.00
C LEU A 41 -7.65 3.71 5.47
N SER A 42 -8.91 3.40 5.77
CA SER A 42 -9.37 3.39 7.16
C SER A 42 -8.70 2.25 7.91
N ASP A 43 -8.45 2.44 9.20
CA ASP A 43 -7.80 1.41 10.00
C ASP A 43 -8.64 0.15 10.10
N GLU A 44 -9.93 0.34 10.29
CA GLU A 44 -10.86 -0.77 10.39
C GLU A 44 -10.91 -1.53 9.09
N MET A 45 -11.10 -0.78 8.03
CA MET A 45 -11.16 -1.36 6.70
C MET A 45 -9.80 -1.95 6.37
N TYR A 46 -8.75 -1.28 6.84
CA TYR A 46 -7.39 -1.75 6.65
C TYR A 46 -7.16 -3.00 7.49
N GLU A 47 -7.84 -3.06 8.63
CA GLU A 47 -7.74 -4.19 9.54
C GLU A 47 -8.42 -5.42 8.96
N ILE A 48 -9.51 -5.20 8.26
CA ILE A 48 -10.26 -6.30 7.66
C ILE A 48 -9.38 -7.11 6.71
N LEU A 49 -8.55 -6.43 5.92
CA LEU A 49 -7.66 -7.15 5.01
C LEU A 49 -6.60 -7.89 5.80
N SER A 50 -6.09 -7.20 6.80
CA SER A 50 -5.04 -7.73 7.67
C SER A 50 -5.55 -8.85 8.55
N ASN A 51 -6.87 -8.94 8.72
CA ASN A 51 -7.48 -9.98 9.54
C ASN A 51 -7.86 -11.18 8.67
N LEU A 52 -8.06 -10.91 7.39
CA LEU A 52 -8.40 -11.95 6.43
C LEU A 52 -7.26 -12.91 6.26
N PRO A 53 -7.57 -14.07 5.70
CA PRO A 53 -6.59 -15.14 5.46
C PRO A 53 -5.80 -14.93 4.17
N GLU A 54 -5.83 -13.70 3.67
CA GLU A 54 -5.12 -13.31 2.44
C GLU A 54 -5.94 -13.64 1.19
N SER A 55 -7.21 -13.99 1.40
CA SER A 55 -8.09 -14.32 0.28
C SER A 55 -8.23 -13.11 -0.65
N VAL A 56 -8.22 -11.91 -0.08
CA VAL A 56 -8.34 -10.69 -0.83
C VAL A 56 -7.01 -10.28 -1.39
N ALA A 57 -7.02 -9.16 -2.05
CA ALA A 57 -5.84 -8.58 -2.64
C ALA A 57 -5.93 -7.06 -2.61
N TYR A 58 -4.88 -6.41 -2.12
CA TYR A 58 -4.88 -4.95 -2.07
C TYR A 58 -4.29 -4.41 -3.36
N THR A 59 -5.09 -3.65 -4.07
CA THR A 59 -4.64 -3.08 -5.33
C THR A 59 -4.39 -1.58 -5.19
N CYS A 60 -3.24 -1.14 -5.67
CA CYS A 60 -2.86 0.27 -5.59
C CYS A 60 -3.63 1.10 -6.60
N VAL A 61 -3.55 2.41 -6.44
CA VAL A 61 -4.27 3.34 -7.30
C VAL A 61 -4.03 3.11 -8.80
N ASN A 62 -2.78 2.86 -9.17
CA ASN A 62 -2.45 2.66 -10.58
C ASN A 62 -3.05 1.37 -11.12
N CYS A 63 -2.95 0.32 -10.34
CA CYS A 63 -3.51 -0.96 -10.74
C CYS A 63 -5.02 -0.88 -10.71
N THR A 64 -5.53 -0.18 -9.71
CA THR A 64 -6.97 -0.01 -9.55
C THR A 64 -7.51 1.02 -10.55
N GLU A 65 -6.60 1.71 -11.23
CA GLU A 65 -6.97 2.70 -12.24
C GLU A 65 -8.14 3.57 -11.78
N ARG A 66 -8.72 4.33 -12.71
CA ARG A 66 -9.83 5.21 -12.39
C ARG A 66 -9.40 6.29 -11.39
N HIS A 67 -8.68 7.28 -11.89
CA HIS A 67 -8.20 8.37 -11.05
C HIS A 67 -7.89 9.61 -11.88
ZN ZN B . 1.65 8.83 0.29
ZN ZN C . -0.46 -2.20 -8.00
N GLY A 1 7.82 -5.72 -15.48
CA GLY A 1 6.97 -6.68 -14.71
C GLY A 1 7.66 -7.24 -13.48
N SER A 2 8.58 -6.47 -12.91
CA SER A 2 9.31 -6.90 -11.72
C SER A 2 8.90 -6.08 -10.51
N ALA A 3 8.46 -4.85 -10.76
CA ALA A 3 8.05 -3.95 -9.69
C ALA A 3 9.19 -3.68 -8.72
N LYS A 4 9.67 -2.44 -8.75
CA LYS A 4 10.78 -2.02 -7.88
C LYS A 4 10.47 -0.70 -7.20
N GLY A 5 9.66 0.13 -7.85
CA GLY A 5 9.30 1.42 -7.28
C GLY A 5 8.17 1.31 -6.29
N ASN A 6 8.28 0.35 -5.37
CA ASN A 6 7.23 0.14 -4.37
C ASN A 6 7.14 1.29 -3.39
N PHE A 7 6.17 2.18 -3.62
CA PHE A 7 5.99 3.34 -2.75
C PHE A 7 4.64 4.02 -3.00
N CYS A 8 4.18 4.76 -1.99
CA CYS A 8 2.91 5.49 -2.05
C CYS A 8 2.92 6.43 -3.27
N PRO A 9 2.01 6.20 -4.23
CA PRO A 9 1.89 7.01 -5.45
C PRO A 9 1.36 8.41 -5.17
N LEU A 10 1.00 8.67 -3.92
CA LEU A 10 0.47 9.96 -3.52
C LEU A 10 1.60 10.88 -3.02
N CYS A 11 2.43 10.36 -2.13
CA CYS A 11 3.54 11.11 -1.58
C CYS A 11 4.64 10.18 -1.05
N ASP A 12 4.24 9.13 -0.33
CA ASP A 12 5.17 8.16 0.24
C ASP A 12 6.28 8.84 1.02
N LYS A 13 6.02 10.07 1.45
CA LYS A 13 6.98 10.83 2.21
C LYS A 13 8.27 11.00 1.41
N CYS A 14 8.92 12.15 1.58
CA CYS A 14 10.15 12.46 0.89
C CYS A 14 11.28 11.55 1.36
N TYR A 15 11.46 10.41 0.70
CA TYR A 15 12.48 9.44 1.05
C TYR A 15 12.04 8.61 2.25
N ASP A 16 11.39 9.28 3.18
CA ASP A 16 10.88 8.67 4.38
C ASP A 16 11.87 7.70 5.01
N ASP A 17 12.64 8.19 5.96
CA ASP A 17 13.61 7.37 6.66
C ASP A 17 12.92 6.46 7.68
N ASP A 18 11.61 6.64 7.83
CA ASP A 18 10.85 5.84 8.77
C ASP A 18 9.89 4.91 8.04
N ASP A 19 10.36 4.35 6.92
CA ASP A 19 9.54 3.44 6.12
C ASP A 19 9.24 2.15 6.88
N TYR A 20 9.97 1.92 7.98
CA TYR A 20 9.78 0.74 8.81
C TYR A 20 8.47 0.84 9.55
N GLU A 21 8.21 2.05 10.03
CA GLU A 21 6.99 2.34 10.75
C GLU A 21 5.98 2.97 9.81
N SER A 22 6.39 3.21 8.57
CA SER A 22 5.50 3.80 7.58
C SER A 22 4.39 2.82 7.23
N LYS A 23 3.23 3.05 7.82
CA LYS A 23 2.07 2.20 7.59
C LYS A 23 1.68 2.15 6.12
N MET A 24 2.31 1.25 5.37
CA MET A 24 2.04 1.11 3.95
C MET A 24 1.44 -0.27 3.65
N MET A 25 0.76 -0.38 2.51
CA MET A 25 0.15 -1.63 2.10
C MET A 25 0.85 -2.25 0.92
N GLN A 26 0.81 -3.58 0.84
CA GLN A 26 1.41 -4.32 -0.25
C GLN A 26 0.40 -4.64 -1.36
N CYS A 27 0.55 -3.99 -2.51
CA CYS A 27 -0.34 -4.23 -3.63
C CYS A 27 -0.28 -5.69 -4.07
N GLY A 28 -1.33 -6.18 -4.72
CA GLY A 28 -1.35 -7.57 -5.15
C GLY A 28 -1.03 -7.73 -6.63
N LYS A 29 -1.13 -6.63 -7.37
CA LYS A 29 -0.85 -6.64 -8.80
C LYS A 29 0.64 -6.42 -9.05
N CYS A 30 1.20 -5.35 -8.50
CA CYS A 30 2.61 -5.05 -8.67
C CYS A 30 3.37 -5.13 -7.34
N ASP A 31 2.66 -5.51 -6.28
CA ASP A 31 3.24 -5.64 -4.95
C ASP A 31 3.84 -4.33 -4.44
N ARG A 32 3.42 -3.22 -5.05
CA ARG A 32 3.89 -1.90 -4.65
C ARG A 32 3.32 -1.51 -3.30
N TRP A 33 4.13 -0.85 -2.48
CA TRP A 33 3.70 -0.43 -1.16
C TRP A 33 3.05 0.95 -1.21
N VAL A 34 1.78 1.02 -0.80
CA VAL A 34 1.06 2.28 -0.80
C VAL A 34 0.80 2.74 0.62
N HIS A 35 0.91 4.05 0.85
CA HIS A 35 0.71 4.61 2.18
C HIS A 35 -0.70 4.34 2.65
N SER A 36 -0.82 3.66 3.77
CA SER A 36 -2.11 3.32 4.34
C SER A 36 -2.98 4.56 4.59
N LYS A 37 -2.40 5.56 5.22
CA LYS A 37 -3.15 6.78 5.54
C LYS A 37 -3.40 7.62 4.29
N CYS A 38 -2.40 7.69 3.42
CA CYS A 38 -2.51 8.48 2.21
C CYS A 38 -3.56 7.91 1.26
N GLU A 39 -3.58 6.59 1.11
CA GLU A 39 -4.55 5.95 0.24
C GLU A 39 -5.95 5.96 0.87
N ASN A 40 -6.17 6.83 1.84
CA ASN A 40 -7.47 6.93 2.49
C ASN A 40 -7.90 5.59 3.07
N LEU A 41 -6.91 4.77 3.44
CA LEU A 41 -7.18 3.46 4.01
C LEU A 41 -7.48 3.56 5.50
N SER A 42 -8.76 3.41 5.86
CA SER A 42 -9.16 3.47 7.27
C SER A 42 -8.50 2.32 8.03
N ASP A 43 -8.20 2.55 9.30
CA ASP A 43 -7.55 1.53 10.10
C ASP A 43 -8.40 0.27 10.20
N GLU A 44 -9.69 0.47 10.39
CA GLU A 44 -10.64 -0.62 10.49
C GLU A 44 -10.69 -1.39 9.18
N MET A 45 -10.85 -0.63 8.12
CA MET A 45 -10.90 -1.20 6.79
C MET A 45 -9.55 -1.84 6.48
N TYR A 46 -8.49 -1.21 6.98
CA TYR A 46 -7.14 -1.72 6.81
C TYR A 46 -6.96 -2.98 7.65
N GLU A 47 -7.67 -3.04 8.77
CA GLU A 47 -7.62 -4.18 9.67
C GLU A 47 -8.35 -5.37 9.06
N ILE A 48 -9.44 -5.09 8.36
CA ILE A 48 -10.23 -6.16 7.75
C ILE A 48 -9.38 -6.99 6.80
N LEU A 49 -8.50 -6.36 6.02
CA LEU A 49 -7.63 -7.10 5.11
C LEU A 49 -6.63 -7.90 5.92
N SER A 50 -6.10 -7.25 6.94
CA SER A 50 -5.10 -7.84 7.83
C SER A 50 -5.68 -8.94 8.70
N ASN A 51 -7.02 -8.99 8.79
CA ASN A 51 -7.70 -10.00 9.60
C ASN A 51 -8.14 -11.16 8.73
N LEU A 52 -8.31 -10.89 7.44
CA LEU A 52 -8.70 -11.89 6.48
C LEU A 52 -7.62 -12.94 6.33
N PRO A 53 -7.99 -14.08 5.75
CA PRO A 53 -7.10 -15.21 5.56
C PRO A 53 -6.23 -15.06 4.30
N GLU A 54 -6.20 -13.84 3.75
CA GLU A 54 -5.42 -13.51 2.55
C GLU A 54 -6.21 -13.82 1.28
N SER A 55 -7.51 -13.97 1.42
CA SER A 55 -8.36 -14.27 0.28
C SER A 55 -8.50 -13.04 -0.62
N VAL A 56 -8.42 -11.85 -0.01
CA VAL A 56 -8.51 -10.61 -0.74
C VAL A 56 -7.17 -10.24 -1.33
N ALA A 57 -7.19 -9.13 -1.99
CA ALA A 57 -6.01 -8.58 -2.64
C ALA A 57 -6.06 -7.06 -2.60
N TYR A 58 -4.96 -6.45 -2.22
CA TYR A 58 -4.91 -5.00 -2.17
C TYR A 58 -4.23 -4.47 -3.41
N THR A 59 -4.98 -3.74 -4.21
CA THR A 59 -4.46 -3.19 -5.44
C THR A 59 -4.26 -1.68 -5.33
N CYS A 60 -3.07 -1.24 -5.75
CA CYS A 60 -2.73 0.18 -5.67
C CYS A 60 -3.43 0.96 -6.78
N VAL A 61 -3.52 2.27 -6.58
CA VAL A 61 -4.21 3.14 -7.53
C VAL A 61 -3.71 2.98 -8.98
N ASN A 62 -2.40 2.86 -9.15
CA ASN A 62 -1.83 2.74 -10.49
C ASN A 62 -2.28 1.48 -11.19
N CYS A 63 -2.28 0.37 -10.47
CA CYS A 63 -2.71 -0.88 -11.03
C CYS A 63 -4.19 -0.84 -11.29
N THR A 64 -4.90 -0.24 -10.36
CA THR A 64 -6.34 -0.10 -10.43
C THR A 64 -6.75 0.95 -11.47
N GLU A 65 -5.76 1.69 -11.97
CA GLU A 65 -6.00 2.73 -12.97
C GLU A 65 -7.17 3.63 -12.57
N ARG A 66 -7.59 4.49 -13.50
CA ARG A 66 -8.70 5.41 -13.25
C ARG A 66 -9.20 6.01 -14.56
N HIS A 67 -10.48 5.81 -14.85
CA HIS A 67 -11.08 6.35 -16.07
C HIS A 67 -10.38 5.79 -17.30
ZN ZN B . 1.90 8.91 1.03
ZN ZN C . -0.10 -2.14 -7.92
N GLY A 1 22.79 -2.59 -9.90
CA GLY A 1 22.80 -1.96 -8.56
C GLY A 1 21.46 -1.36 -8.18
N SER A 2 20.49 -2.23 -7.91
CA SER A 2 19.15 -1.77 -7.53
C SER A 2 18.47 -2.79 -6.62
N ALA A 3 18.39 -2.46 -5.34
CA ALA A 3 17.76 -3.34 -4.35
C ALA A 3 16.71 -2.60 -3.55
N LYS A 4 15.75 -3.34 -3.00
CA LYS A 4 14.68 -2.75 -2.21
C LYS A 4 13.83 -1.81 -3.05
N GLY A 5 12.92 -1.10 -2.41
CA GLY A 5 12.06 -0.16 -3.11
C GLY A 5 10.68 -0.05 -2.48
N ASN A 6 10.27 1.18 -2.19
CA ASN A 6 8.96 1.41 -1.59
C ASN A 6 8.54 2.87 -1.74
N PHE A 7 7.59 3.12 -2.62
CA PHE A 7 7.10 4.47 -2.85
C PHE A 7 5.61 4.48 -3.20
N CYS A 8 4.82 5.08 -2.32
CA CYS A 8 3.38 5.20 -2.50
C CYS A 8 3.08 5.96 -3.81
N PRO A 9 1.79 6.15 -4.13
CA PRO A 9 1.34 6.79 -5.36
C PRO A 9 0.95 8.27 -5.20
N LEU A 10 1.31 8.87 -4.09
CA LEU A 10 0.98 10.27 -3.84
C LEU A 10 2.18 11.01 -3.24
N CYS A 11 2.66 10.51 -2.11
CA CYS A 11 3.78 11.12 -1.40
C CYS A 11 4.78 10.07 -0.93
N ASP A 12 4.35 9.25 0.03
CA ASP A 12 5.18 8.18 0.59
C ASP A 12 6.33 8.72 1.41
N LYS A 13 6.04 9.71 2.24
CA LYS A 13 7.05 10.32 3.11
C LYS A 13 8.35 10.64 2.35
N CYS A 14 8.27 10.71 1.03
CA CYS A 14 9.44 11.02 0.20
C CYS A 14 10.57 10.05 0.47
N TYR A 15 10.77 9.13 -0.48
CA TYR A 15 11.82 8.11 -0.39
C TYR A 15 11.39 6.96 0.50
N ASP A 16 10.72 7.30 1.58
CA ASP A 16 10.24 6.33 2.54
C ASP A 16 11.31 5.31 2.91
N ASP A 17 11.96 5.57 4.04
CA ASP A 17 13.01 4.71 4.57
C ASP A 17 12.47 3.81 5.68
N ASP A 18 11.21 4.04 6.07
CA ASP A 18 10.58 3.25 7.11
C ASP A 18 9.18 2.81 6.71
N ASP A 19 9.04 2.32 5.48
CA ASP A 19 7.75 1.88 4.97
C ASP A 19 7.21 0.67 5.74
N TYR A 20 8.06 0.05 6.53
CA TYR A 20 7.66 -1.11 7.33
C TYR A 20 6.72 -0.67 8.43
N GLU A 21 7.02 0.49 8.97
CA GLU A 21 6.22 1.07 10.03
C GLU A 21 5.50 2.32 9.52
N SER A 22 5.80 2.72 8.28
CA SER A 22 5.16 3.88 7.68
C SER A 22 3.73 3.58 7.25
N LYS A 23 3.21 2.42 7.66
CA LYS A 23 1.85 2.03 7.31
C LYS A 23 1.67 1.96 5.79
N MET A 24 2.36 1.03 5.16
CA MET A 24 2.28 0.88 3.71
C MET A 24 1.50 -0.39 3.33
N MET A 25 0.85 -0.36 2.18
CA MET A 25 0.07 -1.49 1.70
C MET A 25 0.73 -2.19 0.53
N GLN A 26 0.84 -3.51 0.63
CA GLN A 26 1.45 -4.30 -0.44
C GLN A 26 0.41 -4.66 -1.50
N CYS A 27 0.54 -4.05 -2.68
CA CYS A 27 -0.38 -4.30 -3.77
C CYS A 27 -0.33 -5.78 -4.17
N GLY A 28 -1.40 -6.26 -4.82
CA GLY A 28 -1.43 -7.65 -5.24
C GLY A 28 -1.11 -7.81 -6.72
N LYS A 29 -1.22 -6.70 -7.45
CA LYS A 29 -0.94 -6.70 -8.87
C LYS A 29 0.55 -6.45 -9.12
N CYS A 30 1.07 -5.33 -8.64
CA CYS A 30 2.47 -4.99 -8.81
C CYS A 30 3.24 -5.10 -7.49
N ASP A 31 2.50 -5.44 -6.43
CA ASP A 31 3.09 -5.59 -5.10
C ASP A 31 3.66 -4.28 -4.58
N ARG A 32 3.29 -3.17 -5.21
CA ARG A 32 3.77 -1.86 -4.79
C ARG A 32 3.15 -1.46 -3.46
N TRP A 33 3.93 -0.79 -2.64
CA TRP A 33 3.46 -0.35 -1.34
C TRP A 33 2.75 0.98 -1.42
N VAL A 34 1.51 1.02 -0.94
CA VAL A 34 0.72 2.25 -0.96
C VAL A 34 0.50 2.74 0.48
N HIS A 35 0.60 4.05 0.68
CA HIS A 35 0.42 4.62 2.00
C HIS A 35 -0.97 4.33 2.54
N SER A 36 -1.00 3.64 3.67
CA SER A 36 -2.26 3.29 4.31
C SER A 36 -3.05 4.54 4.68
N LYS A 37 -2.38 5.51 5.30
CA LYS A 37 -3.03 6.74 5.73
C LYS A 37 -3.19 7.72 4.57
N CYS A 38 -2.13 7.90 3.78
CA CYS A 38 -2.16 8.84 2.67
C CYS A 38 -3.14 8.40 1.58
N GLU A 39 -3.21 7.09 1.30
CA GLU A 39 -4.13 6.57 0.29
C GLU A 39 -5.57 6.59 0.78
N ASN A 40 -5.80 7.13 1.97
CA ASN A 40 -7.14 7.21 2.55
C ASN A 40 -7.68 5.85 2.97
N LEU A 41 -6.80 4.96 3.38
CA LEU A 41 -7.20 3.63 3.82
C LEU A 41 -7.65 3.68 5.29
N SER A 42 -8.93 3.47 5.55
CA SER A 42 -9.42 3.49 6.92
C SER A 42 -8.77 2.36 7.72
N ASP A 43 -8.55 2.58 8.99
CA ASP A 43 -7.91 1.58 9.84
C ASP A 43 -8.74 0.32 9.95
N GLU A 44 -10.04 0.50 10.11
CA GLU A 44 -10.96 -0.61 10.23
C GLU A 44 -10.97 -1.42 8.95
N MET A 45 -11.14 -0.70 7.86
CA MET A 45 -11.15 -1.31 6.56
C MET A 45 -9.78 -1.90 6.27
N TYR A 46 -8.75 -1.20 6.76
CA TYR A 46 -7.38 -1.67 6.60
C TYR A 46 -7.16 -2.90 7.46
N GLU A 47 -7.87 -2.96 8.59
CA GLU A 47 -7.78 -4.07 9.51
C GLU A 47 -8.45 -5.30 8.91
N ILE A 48 -9.55 -5.08 8.19
CA ILE A 48 -10.28 -6.19 7.59
C ILE A 48 -9.39 -7.01 6.65
N LEU A 49 -8.51 -6.35 5.90
CA LEU A 49 -7.61 -7.10 5.02
C LEU A 49 -6.56 -7.81 5.86
N SER A 50 -6.08 -7.09 6.86
CA SER A 50 -5.06 -7.60 7.77
C SER A 50 -5.59 -8.72 8.67
N ASN A 51 -6.91 -8.82 8.79
CA ASN A 51 -7.55 -9.84 9.61
C ASN A 51 -7.93 -11.05 8.75
N LEU A 52 -8.09 -10.81 7.45
CA LEU A 52 -8.43 -11.85 6.51
C LEU A 52 -7.32 -12.87 6.41
N PRO A 53 -7.65 -14.03 5.86
CA PRO A 53 -6.72 -15.14 5.69
C PRO A 53 -5.83 -14.98 4.45
N GLU A 54 -5.84 -13.77 3.87
CA GLU A 54 -5.05 -13.44 2.68
C GLU A 54 -5.78 -13.80 1.40
N SER A 55 -7.05 -14.17 1.51
CA SER A 55 -7.84 -14.51 0.34
C SER A 55 -8.01 -13.30 -0.57
N VAL A 56 -8.03 -12.11 0.02
CA VAL A 56 -8.17 -10.89 -0.73
C VAL A 56 -6.83 -10.44 -1.27
N ALA A 57 -6.87 -9.34 -1.96
CA ALA A 57 -5.68 -8.74 -2.54
C ALA A 57 -5.81 -7.22 -2.54
N TYR A 58 -4.79 -6.52 -2.07
CA TYR A 58 -4.82 -5.07 -2.05
C TYR A 58 -4.23 -4.53 -3.34
N THR A 59 -5.03 -3.77 -4.06
CA THR A 59 -4.59 -3.21 -5.32
C THR A 59 -4.37 -1.71 -5.19
N CYS A 60 -3.22 -1.26 -5.68
CA CYS A 60 -2.86 0.15 -5.59
C CYS A 60 -3.65 0.97 -6.59
N VAL A 61 -3.73 2.28 -6.34
CA VAL A 61 -4.49 3.18 -7.18
C VAL A 61 -4.14 3.07 -8.66
N ASN A 62 -2.86 2.95 -8.97
CA ASN A 62 -2.42 2.86 -10.35
C ASN A 62 -2.92 1.58 -11.01
N CYS A 63 -2.83 0.49 -10.28
CA CYS A 63 -3.29 -0.79 -10.77
C CYS A 63 -4.81 -0.77 -10.84
N THR A 64 -5.41 -0.15 -9.83
CA THR A 64 -6.85 -0.04 -9.74
C THR A 64 -7.38 1.03 -10.71
N GLU A 65 -6.47 1.73 -11.39
CA GLU A 65 -6.85 2.76 -12.35
C GLU A 65 -7.57 2.14 -13.54
N ARG A 66 -8.62 2.81 -14.01
CA ARG A 66 -9.40 2.31 -15.14
C ARG A 66 -8.70 2.62 -16.46
N HIS A 67 -8.71 3.89 -16.85
CA HIS A 67 -8.07 4.31 -18.10
C HIS A 67 -8.67 3.56 -19.30
ZN ZN B . 1.94 8.63 0.61
ZN ZN C . -0.30 -2.23 -8.05
N GLY A 1 11.37 -14.14 -7.95
CA GLY A 1 11.48 -12.75 -8.45
C GLY A 1 12.84 -12.13 -8.16
N SER A 2 13.08 -10.94 -8.71
CA SER A 2 14.34 -10.24 -8.49
C SER A 2 14.15 -8.73 -8.62
N ALA A 3 13.02 -8.24 -8.15
CA ALA A 3 12.72 -6.82 -8.21
C ALA A 3 12.34 -6.29 -6.82
N LYS A 4 12.69 -5.04 -6.56
CA LYS A 4 12.39 -4.40 -5.27
C LYS A 4 11.57 -3.13 -5.46
N GLY A 5 11.32 -2.42 -4.37
CA GLY A 5 10.54 -1.21 -4.43
C GLY A 5 9.42 -1.18 -3.41
N ASN A 6 9.31 -0.07 -2.69
CA ASN A 6 8.26 0.08 -1.68
C ASN A 6 8.03 1.56 -1.36
N PHE A 7 7.08 2.17 -2.06
CA PHE A 7 6.76 3.59 -1.85
C PHE A 7 5.35 3.91 -2.34
N CYS A 8 4.62 4.70 -1.56
CA CYS A 8 3.26 5.09 -1.93
C CYS A 8 3.26 5.73 -3.31
N PRO A 9 2.49 5.16 -4.26
CA PRO A 9 2.41 5.65 -5.64
C PRO A 9 1.73 7.01 -5.75
N LEU A 10 1.25 7.52 -4.62
CA LEU A 10 0.60 8.82 -4.56
C LEU A 10 1.63 9.90 -4.24
N CYS A 11 2.37 9.70 -3.16
CA CYS A 11 3.39 10.63 -2.73
C CYS A 11 4.44 9.93 -1.86
N ASP A 12 3.96 9.27 -0.80
CA ASP A 12 4.82 8.54 0.12
C ASP A 12 5.77 9.45 0.87
N LYS A 13 5.25 10.54 1.43
CA LYS A 13 6.08 11.46 2.18
C LYS A 13 7.27 11.91 1.34
N CYS A 14 8.38 11.23 1.49
CA CYS A 14 9.59 11.55 0.75
C CYS A 14 10.69 10.53 1.04
N TYR A 15 10.50 9.30 0.56
CA TYR A 15 11.46 8.22 0.77
C TYR A 15 11.32 7.63 2.17
N ASP A 16 11.21 8.53 3.13
CA ASP A 16 11.06 8.14 4.53
C ASP A 16 12.23 7.30 4.99
N ASP A 17 12.32 7.11 6.31
CA ASP A 17 13.39 6.30 6.89
C ASP A 17 12.89 4.91 7.26
N ASP A 18 11.60 4.68 7.11
CA ASP A 18 11.01 3.39 7.43
C ASP A 18 9.68 3.24 6.74
N ASP A 19 9.69 3.22 5.42
CA ASP A 19 8.45 3.09 4.64
C ASP A 19 7.81 1.73 4.85
N TYR A 20 8.56 0.79 5.42
CA TYR A 20 8.06 -0.55 5.69
C TYR A 20 7.04 -0.51 6.81
N GLU A 21 7.36 0.28 7.80
CA GLU A 21 6.51 0.46 8.96
C GLU A 21 5.81 1.81 8.89
N SER A 22 6.07 2.58 7.83
CA SER A 22 5.43 3.89 7.67
C SER A 22 3.93 3.77 7.36
N LYS A 23 3.32 2.67 7.78
CA LYS A 23 1.91 2.46 7.54
C LYS A 23 1.63 2.45 6.03
N MET A 24 2.03 1.38 5.38
CA MET A 24 1.82 1.23 3.94
C MET A 24 1.28 -0.16 3.62
N MET A 25 0.62 -0.29 2.48
CA MET A 25 0.06 -1.57 2.06
C MET A 25 0.75 -2.14 0.84
N GLN A 26 0.77 -3.45 0.75
CA GLN A 26 1.38 -4.16 -0.37
C GLN A 26 0.36 -4.48 -1.45
N CYS A 27 0.47 -3.81 -2.60
CA CYS A 27 -0.43 -4.05 -3.71
C CYS A 27 -0.33 -5.51 -4.19
N GLY A 28 -1.37 -5.99 -4.87
CA GLY A 28 -1.36 -7.36 -5.35
C GLY A 28 -1.06 -7.46 -6.83
N LYS A 29 -1.19 -6.35 -7.53
CA LYS A 29 -0.93 -6.30 -8.96
C LYS A 29 0.55 -6.03 -9.23
N CYS A 30 1.07 -4.93 -8.66
CA CYS A 30 2.48 -4.56 -8.83
C CYS A 30 3.26 -4.80 -7.53
N ASP A 31 2.56 -5.28 -6.50
CA ASP A 31 3.17 -5.57 -5.21
C ASP A 31 3.84 -4.33 -4.60
N ARG A 32 3.53 -3.16 -5.15
CA ARG A 32 4.10 -1.92 -4.63
C ARG A 32 3.43 -1.51 -3.33
N TRP A 33 4.20 -0.87 -2.46
CA TRP A 33 3.67 -0.43 -1.18
C TRP A 33 3.00 0.94 -1.28
N VAL A 34 1.75 1.01 -0.85
CA VAL A 34 1.00 2.27 -0.90
C VAL A 34 0.78 2.82 0.50
N HIS A 35 0.68 4.14 0.60
CA HIS A 35 0.49 4.79 1.88
C HIS A 35 -0.83 4.37 2.51
N SER A 36 -0.76 3.76 3.69
CA SER A 36 -1.95 3.34 4.39
C SER A 36 -2.82 4.55 4.74
N LYS A 37 -2.17 5.58 5.30
CA LYS A 37 -2.88 6.79 5.71
C LYS A 37 -3.16 7.72 4.54
N CYS A 38 -2.14 8.02 3.74
CA CYS A 38 -2.30 8.93 2.61
C CYS A 38 -3.30 8.39 1.58
N GLU A 39 -3.31 7.07 1.35
CA GLU A 39 -4.23 6.47 0.40
C GLU A 39 -5.67 6.46 0.96
N ASN A 40 -5.85 7.05 2.14
CA ASN A 40 -7.16 7.12 2.78
C ASN A 40 -7.64 5.75 3.24
N LEU A 41 -6.71 4.89 3.65
CA LEU A 41 -7.06 3.56 4.13
C LEU A 41 -7.43 3.60 5.60
N SER A 42 -8.72 3.45 5.91
CA SER A 42 -9.15 3.48 7.31
C SER A 42 -8.50 2.33 8.08
N ASP A 43 -8.23 2.53 9.36
CA ASP A 43 -7.58 1.51 10.18
C ASP A 43 -8.42 0.24 10.25
N GLU A 44 -9.72 0.42 10.41
CA GLU A 44 -10.65 -0.69 10.51
C GLU A 44 -10.68 -1.44 9.21
N MET A 45 -10.84 -0.70 8.14
CA MET A 45 -10.87 -1.28 6.81
C MET A 45 -9.50 -1.88 6.52
N TYR A 46 -8.46 -1.22 7.03
CA TYR A 46 -7.09 -1.70 6.87
C TYR A 46 -6.89 -2.96 7.69
N GLU A 47 -7.61 -3.04 8.81
CA GLU A 47 -7.53 -4.18 9.70
C GLU A 47 -8.23 -5.40 9.10
N ILE A 48 -9.33 -5.14 8.41
CA ILE A 48 -10.10 -6.23 7.80
C ILE A 48 -9.23 -7.04 6.85
N LEU A 49 -8.38 -6.39 6.07
CA LEU A 49 -7.50 -7.11 5.15
C LEU A 49 -6.47 -7.89 5.95
N SER A 50 -5.96 -7.24 6.98
CA SER A 50 -4.95 -7.82 7.85
C SER A 50 -5.51 -8.95 8.71
N ASN A 51 -6.84 -9.01 8.80
CA ASN A 51 -7.50 -10.06 9.59
C ASN A 51 -7.94 -11.20 8.68
N LEU A 52 -8.10 -10.90 7.40
CA LEU A 52 -8.50 -11.88 6.41
C LEU A 52 -7.44 -12.93 6.23
N PRO A 53 -7.82 -14.05 5.64
CA PRO A 53 -6.93 -15.18 5.39
C PRO A 53 -6.08 -15.01 4.13
N GLU A 54 -6.04 -13.78 3.61
CA GLU A 54 -5.27 -13.43 2.42
C GLU A 54 -6.05 -13.70 1.14
N SER A 55 -7.32 -14.05 1.28
CA SER A 55 -8.16 -14.32 0.12
C SER A 55 -8.30 -13.06 -0.74
N VAL A 56 -8.26 -11.90 -0.10
CA VAL A 56 -8.36 -10.64 -0.78
C VAL A 56 -7.02 -10.23 -1.35
N ALA A 57 -7.07 -9.13 -2.05
CA ALA A 57 -5.89 -8.55 -2.67
C ALA A 57 -6.00 -7.04 -2.68
N TYR A 58 -4.95 -6.36 -2.24
CA TYR A 58 -4.95 -4.91 -2.22
C TYR A 58 -4.31 -4.38 -3.48
N THR A 59 -5.09 -3.66 -4.25
CA THR A 59 -4.60 -3.10 -5.50
C THR A 59 -4.42 -1.59 -5.37
N CYS A 60 -3.28 -1.11 -5.80
CA CYS A 60 -2.96 0.31 -5.71
C CYS A 60 -3.72 1.07 -6.79
N VAL A 61 -3.91 2.36 -6.54
CA VAL A 61 -4.67 3.21 -7.46
C VAL A 61 -4.17 3.15 -8.90
N ASN A 62 -2.86 3.15 -9.08
CA ASN A 62 -2.29 3.13 -10.43
C ASN A 62 -2.64 1.86 -11.16
N CYS A 63 -2.59 0.77 -10.43
CA CYS A 63 -2.90 -0.53 -10.98
C CYS A 63 -4.39 -0.62 -11.30
N THR A 64 -5.18 -0.05 -10.39
CA THR A 64 -6.63 -0.05 -10.53
C THR A 64 -7.09 0.98 -11.56
N GLU A 65 -6.18 1.84 -11.96
CA GLU A 65 -6.47 2.88 -12.95
C GLU A 65 -7.77 3.62 -12.63
N ARG A 66 -7.65 4.78 -11.99
CA ARG A 66 -8.82 5.60 -11.63
C ARG A 66 -9.74 4.83 -10.68
N HIS A 67 -10.70 5.54 -10.11
CA HIS A 67 -11.65 4.94 -9.18
C HIS A 67 -12.66 4.08 -9.91
ZN ZN B . 1.44 9.04 -0.01
ZN ZN C . -0.17 -1.91 -7.93
N GLY A 1 6.78 -8.94 -10.47
CA GLY A 1 7.43 -8.14 -9.39
C GLY A 1 7.49 -6.66 -9.71
N SER A 2 8.11 -6.34 -10.84
CA SER A 2 8.24 -4.95 -11.26
C SER A 2 9.03 -4.14 -10.23
N ALA A 3 10.37 -4.22 -10.32
CA ALA A 3 11.23 -3.50 -9.39
C ALA A 3 11.01 -3.96 -7.95
N LYS A 4 11.60 -3.24 -7.01
CA LYS A 4 11.46 -3.57 -5.59
C LYS A 4 10.08 -3.21 -5.08
N GLY A 5 9.50 -2.17 -5.66
CA GLY A 5 8.20 -1.72 -5.25
C GLY A 5 8.27 -0.88 -4.00
N ASN A 6 7.18 -0.85 -3.26
CA ASN A 6 7.09 -0.09 -2.03
C ASN A 6 7.26 1.40 -2.29
N PHE A 7 6.16 2.06 -2.67
CA PHE A 7 6.20 3.49 -2.95
C PHE A 7 4.80 4.07 -3.15
N CYS A 8 4.34 4.84 -2.17
CA CYS A 8 3.02 5.49 -2.24
C CYS A 8 2.97 6.41 -3.46
N PRO A 9 2.07 6.12 -4.41
CA PRO A 9 1.92 6.91 -5.64
C PRO A 9 1.37 8.32 -5.39
N LEU A 10 1.01 8.58 -4.14
CA LEU A 10 0.48 9.88 -3.76
C LEU A 10 1.59 10.81 -3.29
N CYS A 11 2.42 10.32 -2.38
CA CYS A 11 3.55 11.10 -1.85
C CYS A 11 4.64 10.17 -1.30
N ASP A 12 4.23 9.15 -0.55
CA ASP A 12 5.15 8.19 0.06
C ASP A 12 6.25 8.86 0.85
N LYS A 13 6.05 10.13 1.17
CA LYS A 13 7.04 10.86 1.92
C LYS A 13 8.37 10.91 1.21
N CYS A 14 9.07 12.02 1.35
CA CYS A 14 10.36 12.21 0.72
C CYS A 14 11.40 11.36 1.42
N TYR A 15 11.31 10.04 1.24
CA TYR A 15 12.21 9.09 1.87
C TYR A 15 11.77 8.84 3.31
N ASP A 16 11.50 9.92 4.00
CA ASP A 16 11.05 9.89 5.40
C ASP A 16 12.09 9.28 6.32
N ASP A 17 13.16 8.73 5.76
CA ASP A 17 14.22 8.12 6.55
C ASP A 17 13.70 6.92 7.34
N ASP A 18 12.40 6.64 7.23
CA ASP A 18 11.81 5.52 7.95
C ASP A 18 10.68 4.89 7.14
N ASP A 19 10.98 4.50 5.90
CA ASP A 19 9.98 3.89 5.03
C ASP A 19 9.57 2.50 5.55
N TYR A 20 10.35 1.97 6.47
CA TYR A 20 10.05 0.67 7.07
C TYR A 20 8.86 0.82 7.99
N GLU A 21 8.93 1.87 8.77
CA GLU A 21 7.86 2.20 9.71
C GLU A 21 6.76 2.96 8.98
N SER A 22 7.01 3.26 7.70
CA SER A 22 6.03 3.97 6.88
C SER A 22 4.82 3.08 6.64
N LYS A 23 3.78 3.32 7.42
CA LYS A 23 2.54 2.55 7.33
C LYS A 23 2.01 2.48 5.89
N MET A 24 2.46 1.47 5.15
CA MET A 24 2.03 1.30 3.76
C MET A 24 1.43 -0.09 3.55
N MET A 25 0.74 -0.27 2.42
CA MET A 25 0.13 -1.55 2.11
C MET A 25 0.80 -2.21 0.92
N GLN A 26 0.76 -3.54 0.90
CA GLN A 26 1.35 -4.31 -0.18
C GLN A 26 0.34 -4.62 -1.28
N CYS A 27 0.51 -4.00 -2.45
CA CYS A 27 -0.39 -4.23 -3.57
C CYS A 27 -0.32 -5.71 -4.01
N GLY A 28 -1.35 -6.18 -4.70
CA GLY A 28 -1.37 -7.56 -5.15
C GLY A 28 -1.00 -7.69 -6.62
N LYS A 29 -1.12 -6.59 -7.35
CA LYS A 29 -0.80 -6.56 -8.77
C LYS A 29 0.68 -6.29 -8.99
N CYS A 30 1.17 -5.18 -8.44
CA CYS A 30 2.57 -4.82 -8.57
C CYS A 30 3.32 -5.07 -7.26
N ASP A 31 2.57 -5.50 -6.24
CA ASP A 31 3.15 -5.79 -4.93
C ASP A 31 3.82 -4.57 -4.33
N ARG A 32 3.55 -3.40 -4.90
CA ARG A 32 4.12 -2.17 -4.38
C ARG A 32 3.44 -1.75 -3.09
N TRP A 33 4.17 -1.03 -2.27
CA TRP A 33 3.65 -0.54 -1.00
C TRP A 33 3.04 0.84 -1.16
N VAL A 34 1.78 0.98 -0.78
CA VAL A 34 1.08 2.25 -0.88
C VAL A 34 0.81 2.78 0.52
N HIS A 35 0.93 4.08 0.70
CA HIS A 35 0.69 4.70 2.01
C HIS A 35 -0.72 4.41 2.48
N SER A 36 -0.83 3.76 3.63
CA SER A 36 -2.12 3.41 4.20
C SER A 36 -3.01 4.63 4.39
N LYS A 37 -2.48 5.68 4.99
CA LYS A 37 -3.24 6.88 5.26
C LYS A 37 -3.49 7.70 4.00
N CYS A 38 -2.48 7.76 3.14
CA CYS A 38 -2.58 8.52 1.89
C CYS A 38 -3.63 7.91 0.97
N GLU A 39 -3.68 6.59 0.92
CA GLU A 39 -4.65 5.91 0.08
C GLU A 39 -6.04 5.89 0.72
N ASN A 40 -6.25 6.77 1.70
CA ASN A 40 -7.54 6.86 2.39
C ASN A 40 -7.94 5.52 2.99
N LEU A 41 -6.94 4.73 3.41
CA LEU A 41 -7.21 3.42 4.00
C LEU A 41 -7.53 3.53 5.49
N SER A 42 -8.80 3.34 5.85
CA SER A 42 -9.19 3.39 7.25
C SER A 42 -8.52 2.24 8.01
N ASP A 43 -8.23 2.47 9.29
CA ASP A 43 -7.58 1.44 10.09
C ASP A 43 -8.41 0.17 10.18
N GLU A 44 -9.71 0.36 10.34
CA GLU A 44 -10.65 -0.75 10.43
C GLU A 44 -10.68 -1.49 9.12
N MET A 45 -10.84 -0.74 8.06
CA MET A 45 -10.89 -1.30 6.74
C MET A 45 -9.53 -1.91 6.42
N TYR A 46 -8.48 -1.27 6.93
CA TYR A 46 -7.12 -1.76 6.75
C TYR A 46 -6.94 -3.03 7.59
N GLU A 47 -7.64 -3.08 8.70
CA GLU A 47 -7.58 -4.24 9.61
C GLU A 47 -8.29 -5.43 9.00
N ILE A 48 -9.39 -5.18 8.31
CA ILE A 48 -10.16 -6.25 7.69
C ILE A 48 -9.31 -7.07 6.74
N LEU A 49 -8.42 -6.42 5.99
CA LEU A 49 -7.55 -7.15 5.06
C LEU A 49 -6.51 -7.91 5.86
N SER A 50 -6.01 -7.25 6.88
CA SER A 50 -4.99 -7.81 7.76
C SER A 50 -5.52 -8.94 8.62
N ASN A 51 -6.84 -9.01 8.76
CA ASN A 51 -7.49 -10.05 9.56
C ASN A 51 -7.92 -11.21 8.65
N LEU A 52 -8.12 -10.90 7.39
CA LEU A 52 -8.53 -11.88 6.40
C LEU A 52 -7.44 -12.92 6.19
N PRO A 53 -7.82 -14.04 5.60
CA PRO A 53 -6.92 -15.16 5.33
C PRO A 53 -6.14 -14.98 4.03
N GLU A 54 -6.10 -13.75 3.53
CA GLU A 54 -5.38 -13.40 2.30
C GLU A 54 -6.23 -13.67 1.06
N SER A 55 -7.51 -14.01 1.27
CA SER A 55 -8.40 -14.27 0.16
C SER A 55 -8.55 -13.03 -0.72
N VAL A 56 -8.46 -11.86 -0.11
CA VAL A 56 -8.58 -10.61 -0.82
C VAL A 56 -7.25 -10.24 -1.44
N ALA A 57 -7.25 -9.10 -2.07
CA ALA A 57 -6.08 -8.55 -2.71
C ALA A 57 -6.09 -7.03 -2.63
N TYR A 58 -4.98 -6.45 -2.21
CA TYR A 58 -4.90 -5.00 -2.13
C TYR A 58 -4.28 -4.46 -3.39
N THR A 59 -5.04 -3.69 -4.12
CA THR A 59 -4.56 -3.10 -5.36
C THR A 59 -4.33 -1.61 -5.19
N CYS A 60 -3.16 -1.17 -5.63
CA CYS A 60 -2.79 0.24 -5.52
C CYS A 60 -3.51 1.06 -6.57
N VAL A 61 -3.57 2.36 -6.33
CA VAL A 61 -4.28 3.27 -7.23
C VAL A 61 -3.87 3.13 -8.69
N ASN A 62 -2.58 2.98 -8.95
CA ASN A 62 -2.09 2.86 -10.32
C ASN A 62 -2.62 1.59 -10.98
N CYS A 63 -2.57 0.49 -10.25
CA CYS A 63 -3.06 -0.77 -10.75
C CYS A 63 -4.57 -0.71 -10.86
N THR A 64 -5.19 -0.07 -9.87
CA THR A 64 -6.63 0.09 -9.83
C THR A 64 -7.09 1.16 -10.82
N GLU A 65 -6.13 1.76 -11.55
CA GLU A 65 -6.45 2.79 -12.53
C GLU A 65 -7.23 2.22 -13.72
N ARG A 66 -7.61 0.95 -13.64
CA ARG A 66 -8.36 0.30 -14.71
C ARG A 66 -8.97 -1.01 -14.22
N HIS A 67 -10.29 -1.11 -14.29
CA HIS A 67 -11.00 -2.31 -13.85
C HIS A 67 -10.73 -2.59 -12.37
ZN ZN B . 1.86 8.96 0.77
ZN ZN C . -0.23 -2.15 -7.85
N GLY A 1 18.87 0.48 -10.91
CA GLY A 1 19.28 -0.80 -10.25
C GLY A 1 18.33 -1.93 -10.55
N SER A 2 17.63 -2.41 -9.52
CA SER A 2 16.69 -3.52 -9.69
C SER A 2 15.47 -3.34 -8.79
N ALA A 3 14.30 -3.65 -9.33
CA ALA A 3 13.04 -3.51 -8.59
C ALA A 3 12.93 -2.15 -7.93
N LYS A 4 12.22 -1.23 -8.59
CA LYS A 4 12.04 0.13 -8.07
C LYS A 4 10.57 0.40 -7.77
N GLY A 5 10.33 1.40 -6.92
CA GLY A 5 8.98 1.75 -6.56
C GLY A 5 8.64 1.27 -5.17
N ASN A 6 7.44 0.75 -5.04
CA ASN A 6 6.93 0.24 -3.77
C ASN A 6 6.80 1.36 -2.77
N PHE A 7 6.00 2.34 -3.12
CA PHE A 7 5.78 3.49 -2.26
C PHE A 7 4.45 4.17 -2.59
N CYS A 8 4.02 5.08 -1.70
CA CYS A 8 2.78 5.82 -1.89
C CYS A 8 2.87 6.65 -3.17
N PRO A 9 1.98 6.36 -4.14
CA PRO A 9 1.95 7.06 -5.43
C PRO A 9 1.50 8.51 -5.30
N LEU A 10 1.10 8.88 -4.10
CA LEU A 10 0.64 10.24 -3.82
C LEU A 10 1.81 11.11 -3.34
N CYS A 11 2.55 10.62 -2.36
CA CYS A 11 3.70 11.35 -1.80
C CYS A 11 4.72 10.39 -1.17
N ASP A 12 4.21 9.40 -0.43
CA ASP A 12 5.05 8.42 0.27
C ASP A 12 6.13 9.09 1.09
N LYS A 13 5.89 10.36 1.44
CA LYS A 13 6.83 11.13 2.23
C LYS A 13 8.13 11.41 1.46
N CYS A 14 8.38 10.63 0.43
CA CYS A 14 9.56 10.79 -0.41
C CYS A 14 10.84 10.59 0.40
N TYR A 15 11.68 9.67 -0.06
CA TYR A 15 12.95 9.34 0.59
C TYR A 15 12.74 8.35 1.74
N ASP A 16 11.54 8.39 2.28
CA ASP A 16 11.14 7.52 3.39
C ASP A 16 11.70 6.12 3.27
N ASP A 17 12.77 5.86 4.02
CA ASP A 17 13.40 4.56 4.04
C ASP A 17 12.73 3.66 5.08
N ASP A 18 11.81 4.24 5.85
CA ASP A 18 11.11 3.48 6.87
C ASP A 18 9.68 3.17 6.44
N ASP A 19 9.53 2.90 5.14
CA ASP A 19 8.23 2.58 4.57
C ASP A 19 7.67 1.28 5.11
N TYR A 20 8.52 0.49 5.74
CA TYR A 20 8.11 -0.78 6.31
C TYR A 20 7.22 -0.53 7.51
N GLU A 21 7.62 0.46 8.28
CA GLU A 21 6.88 0.85 9.46
C GLU A 21 6.10 2.15 9.20
N SER A 22 6.30 2.72 8.02
CA SER A 22 5.61 3.95 7.66
C SER A 22 4.10 3.73 7.45
N LYS A 23 3.61 2.57 7.85
CA LYS A 23 2.20 2.24 7.71
C LYS A 23 1.79 2.19 6.24
N MET A 24 2.33 1.23 5.51
CA MET A 24 2.02 1.08 4.09
C MET A 24 1.46 -0.30 3.79
N MET A 25 0.80 -0.43 2.64
CA MET A 25 0.21 -1.69 2.25
C MET A 25 0.92 -2.30 1.04
N GLN A 26 0.88 -3.62 0.95
CA GLN A 26 1.50 -4.33 -0.15
C GLN A 26 0.49 -4.69 -1.23
N CYS A 27 0.60 -4.04 -2.40
CA CYS A 27 -0.30 -4.31 -3.49
C CYS A 27 -0.22 -5.79 -3.92
N GLY A 28 -1.26 -6.27 -4.58
CA GLY A 28 -1.28 -7.67 -5.01
C GLY A 28 -0.95 -7.82 -6.48
N LYS A 29 -1.06 -6.72 -7.21
CA LYS A 29 -0.78 -6.72 -8.63
C LYS A 29 0.70 -6.45 -8.88
N CYS A 30 1.20 -5.33 -8.37
CA CYS A 30 2.60 -4.98 -8.54
C CYS A 30 3.36 -5.18 -7.23
N ASP A 31 2.64 -5.58 -6.18
CA ASP A 31 3.22 -5.82 -4.87
C ASP A 31 3.88 -4.56 -4.31
N ARG A 32 3.53 -3.41 -4.87
CA ARG A 32 4.09 -2.15 -4.41
C ARG A 32 3.46 -1.71 -3.09
N TRP A 33 4.26 -1.05 -2.26
CA TRP A 33 3.78 -0.59 -0.97
C TRP A 33 3.13 0.79 -1.07
N VAL A 34 1.87 0.88 -0.65
CA VAL A 34 1.14 2.15 -0.70
C VAL A 34 0.89 2.68 0.70
N HIS A 35 0.94 4.00 0.86
CA HIS A 35 0.70 4.65 2.15
C HIS A 35 -0.68 4.29 2.68
N SER A 36 -0.73 3.68 3.85
CA SER A 36 -2.00 3.28 4.45
C SER A 36 -2.94 4.47 4.71
N LYS A 37 -2.43 5.53 5.31
CA LYS A 37 -3.27 6.69 5.63
C LYS A 37 -3.48 7.60 4.43
N CYS A 38 -2.42 7.79 3.66
CA CYS A 38 -2.48 8.66 2.49
C CYS A 38 -3.49 8.15 1.46
N GLU A 39 -3.45 6.85 1.20
CA GLU A 39 -4.38 6.26 0.23
C GLU A 39 -5.82 6.24 0.78
N ASN A 40 -6.05 6.95 1.88
CA ASN A 40 -7.38 7.02 2.47
C ASN A 40 -7.84 5.65 2.98
N LEU A 41 -6.89 4.82 3.38
CA LEU A 41 -7.20 3.49 3.90
C LEU A 41 -7.57 3.56 5.38
N SER A 42 -8.85 3.41 5.69
CA SER A 42 -9.29 3.44 7.08
C SER A 42 -8.64 2.30 7.85
N ASP A 43 -8.38 2.51 9.14
CA ASP A 43 -7.74 1.50 9.96
C ASP A 43 -8.58 0.23 10.04
N GLU A 44 -9.87 0.42 10.18
CA GLU A 44 -10.81 -0.69 10.27
C GLU A 44 -10.82 -1.45 8.97
N MET A 45 -10.97 -0.69 7.90
CA MET A 45 -11.00 -1.27 6.57
C MET A 45 -9.63 -1.88 6.29
N TYR A 46 -8.59 -1.23 6.78
CA TYR A 46 -7.23 -1.72 6.63
C TYR A 46 -7.03 -2.98 7.48
N GLU A 47 -7.75 -3.02 8.60
CA GLU A 47 -7.67 -4.16 9.52
C GLU A 47 -8.35 -5.38 8.93
N ILE A 48 -9.44 -5.15 8.21
CA ILE A 48 -10.20 -6.24 7.61
C ILE A 48 -9.31 -7.07 6.68
N LEU A 49 -8.46 -6.41 5.89
CA LEU A 49 -7.57 -7.15 4.99
C LEU A 49 -6.53 -7.90 5.79
N SER A 50 -6.02 -7.21 6.81
CA SER A 50 -5.00 -7.76 7.69
C SER A 50 -5.53 -8.88 8.57
N ASN A 51 -6.86 -8.96 8.69
CA ASN A 51 -7.49 -10.00 9.49
C ASN A 51 -7.93 -11.16 8.61
N LEU A 52 -8.13 -10.87 7.32
CA LEU A 52 -8.53 -11.87 6.36
C LEU A 52 -7.43 -12.90 6.18
N PRO A 53 -7.78 -14.04 5.60
CA PRO A 53 -6.87 -15.14 5.37
C PRO A 53 -6.06 -14.96 4.07
N GLU A 54 -6.03 -13.73 3.57
CA GLU A 54 -5.30 -13.39 2.35
C GLU A 54 -6.14 -13.70 1.10
N SER A 55 -7.43 -13.96 1.31
CA SER A 55 -8.34 -14.26 0.21
C SER A 55 -8.49 -13.04 -0.70
N VAL A 56 -8.41 -11.85 -0.11
CA VAL A 56 -8.52 -10.62 -0.85
C VAL A 56 -7.19 -10.26 -1.46
N ALA A 57 -7.20 -9.13 -2.11
CA ALA A 57 -6.02 -8.58 -2.75
C ALA A 57 -6.03 -7.07 -2.68
N TYR A 58 -4.94 -6.47 -2.24
CA TYR A 58 -4.86 -5.03 -2.16
C TYR A 58 -4.23 -4.49 -3.41
N THR A 59 -4.99 -3.71 -4.16
CA THR A 59 -4.50 -3.14 -5.39
C THR A 59 -4.27 -1.65 -5.23
N CYS A 60 -3.09 -1.21 -5.65
CA CYS A 60 -2.72 0.19 -5.54
C CYS A 60 -3.45 1.02 -6.58
N VAL A 61 -3.52 2.31 -6.34
CA VAL A 61 -4.22 3.21 -7.24
C VAL A 61 -3.78 3.07 -8.69
N ASN A 62 -2.48 2.94 -8.91
CA ASN A 62 -1.95 2.82 -10.27
C ASN A 62 -2.46 1.56 -10.95
N CYS A 63 -2.43 0.46 -10.22
CA CYS A 63 -2.90 -0.81 -10.74
C CYS A 63 -4.40 -0.75 -10.92
N THR A 64 -5.07 -0.12 -9.95
CA THR A 64 -6.51 0.03 -9.97
C THR A 64 -6.94 1.10 -10.99
N GLU A 65 -5.96 1.77 -11.61
CA GLU A 65 -6.25 2.80 -12.60
C GLU A 65 -6.93 2.21 -13.83
N ARG A 66 -8.25 2.27 -13.86
CA ARG A 66 -9.02 1.74 -14.98
C ARG A 66 -10.47 2.20 -14.92
N HIS A 67 -11.13 1.89 -13.79
CA HIS A 67 -12.53 2.27 -13.60
C HIS A 67 -12.64 3.73 -13.18
ZN ZN B . 1.60 9.53 0.83
ZN ZN C . -0.18 -2.24 -7.79
N GLY A 1 13.26 -2.20 -20.62
CA GLY A 1 13.16 -1.45 -19.34
C GLY A 1 12.04 -1.97 -18.45
N SER A 2 12.31 -2.06 -17.15
CA SER A 2 11.33 -2.54 -16.19
C SER A 2 11.63 -2.02 -14.78
N ALA A 3 12.67 -2.58 -14.17
CA ALA A 3 13.06 -2.18 -12.82
C ALA A 3 11.94 -2.44 -11.82
N LYS A 4 12.32 -2.55 -10.56
CA LYS A 4 11.35 -2.80 -9.50
C LYS A 4 11.01 -1.51 -8.77
N GLY A 5 9.95 -1.56 -7.97
CA GLY A 5 9.52 -0.40 -7.23
C GLY A 5 8.45 -0.72 -6.21
N ASN A 6 8.37 0.08 -5.16
CA ASN A 6 7.37 -0.12 -4.13
C ASN A 6 7.29 1.08 -3.18
N PHE A 7 6.36 1.99 -3.49
CA PHE A 7 6.18 3.18 -2.66
C PHE A 7 4.83 3.86 -2.94
N CYS A 8 4.39 4.69 -2.00
CA CYS A 8 3.12 5.41 -2.13
C CYS A 8 3.14 6.29 -3.39
N PRO A 9 2.28 5.99 -4.37
CA PRO A 9 2.19 6.74 -5.63
C PRO A 9 1.61 8.14 -5.44
N LEU A 10 1.21 8.45 -4.21
CA LEU A 10 0.65 9.75 -3.90
C LEU A 10 1.75 10.71 -3.43
N CYS A 11 2.56 10.26 -2.48
CA CYS A 11 3.65 11.05 -1.92
C CYS A 11 4.74 10.15 -1.33
N ASP A 12 4.31 9.12 -0.60
CA ASP A 12 5.23 8.18 0.05
C ASP A 12 6.31 8.91 0.82
N LYS A 13 5.98 10.10 1.29
CA LYS A 13 6.91 10.89 2.07
C LYS A 13 8.17 11.21 1.25
N CYS A 14 8.65 12.43 1.40
CA CYS A 14 9.85 12.90 0.70
C CYS A 14 11.10 12.27 1.32
N TYR A 15 11.46 11.08 0.84
CA TYR A 15 12.61 10.34 1.35
C TYR A 15 12.27 9.69 2.68
N ASP A 16 11.60 10.45 3.52
CA ASP A 16 11.17 9.97 4.83
C ASP A 16 12.31 9.40 5.65
N ASP A 17 12.05 9.20 6.93
CA ASP A 17 13.04 8.66 7.84
C ASP A 17 12.45 7.56 8.71
N ASP A 18 11.15 7.30 8.57
CA ASP A 18 10.48 6.28 9.36
C ASP A 18 9.63 5.36 8.48
N ASP A 19 10.22 4.88 7.38
CA ASP A 19 9.50 3.99 6.47
C ASP A 19 9.16 2.66 7.15
N TYR A 20 9.85 2.38 8.25
CA TYR A 20 9.63 1.16 9.01
C TYR A 20 8.29 1.24 9.70
N GLU A 21 8.02 2.41 10.22
CA GLU A 21 6.76 2.69 10.89
C GLU A 21 5.75 3.27 9.90
N SER A 22 6.21 3.49 8.66
CA SER A 22 5.34 4.03 7.62
C SER A 22 4.26 3.03 7.25
N LYS A 23 3.09 3.22 7.82
CA LYS A 23 1.96 2.34 7.58
C LYS A 23 1.63 2.24 6.09
N MET A 24 2.31 1.34 5.38
CA MET A 24 2.08 1.17 3.96
C MET A 24 1.43 -0.19 3.67
N MET A 25 0.79 -0.31 2.52
CA MET A 25 0.13 -1.56 2.14
C MET A 25 0.83 -2.23 0.97
N GLN A 26 0.77 -3.55 0.96
CA GLN A 26 1.38 -4.34 -0.12
C GLN A 26 0.37 -4.67 -1.21
N CYS A 27 0.53 -4.06 -2.39
CA CYS A 27 -0.36 -4.31 -3.49
C CYS A 27 -0.35 -5.79 -3.90
N GLY A 28 -1.40 -6.25 -4.56
CA GLY A 28 -1.45 -7.64 -4.98
C GLY A 28 -1.14 -7.81 -6.45
N LYS A 29 -1.21 -6.71 -7.19
CA LYS A 29 -0.93 -6.72 -8.62
C LYS A 29 0.56 -6.52 -8.87
N CYS A 30 1.10 -5.41 -8.36
CA CYS A 30 2.52 -5.11 -8.52
C CYS A 30 3.25 -5.24 -7.18
N ASP A 31 2.52 -5.71 -6.16
CA ASP A 31 3.06 -5.89 -4.82
C ASP A 31 3.76 -4.63 -4.31
N ARG A 32 3.40 -3.48 -4.88
CA ARG A 32 3.96 -2.20 -4.49
C ARG A 32 3.38 -1.75 -3.16
N TRP A 33 4.20 -1.07 -2.36
CA TRP A 33 3.75 -0.58 -1.07
C TRP A 33 3.12 0.80 -1.19
N VAL A 34 1.86 0.93 -0.79
CA VAL A 34 1.16 2.20 -0.86
C VAL A 34 0.88 2.74 0.54
N HIS A 35 1.00 4.05 0.70
CA HIS A 35 0.76 4.67 2.00
C HIS A 35 -0.67 4.42 2.45
N SER A 36 -0.81 3.78 3.60
CA SER A 36 -2.13 3.46 4.14
C SER A 36 -2.98 4.72 4.35
N LYS A 37 -2.41 5.73 5.00
CA LYS A 37 -3.12 6.96 5.28
C LYS A 37 -3.37 7.76 4.00
N CYS A 38 -2.39 7.76 3.11
CA CYS A 38 -2.49 8.49 1.85
C CYS A 38 -3.51 7.86 0.92
N GLU A 39 -3.59 6.53 0.94
CA GLU A 39 -4.52 5.81 0.09
C GLU A 39 -5.91 5.73 0.74
N ASN A 40 -6.16 6.59 1.74
CA ASN A 40 -7.44 6.61 2.42
C ASN A 40 -7.77 5.26 3.03
N LEU A 41 -6.74 4.56 3.51
CA LEU A 41 -6.93 3.25 4.12
C LEU A 41 -7.35 3.35 5.59
N SER A 42 -8.64 3.26 5.87
CA SER A 42 -9.11 3.32 7.25
C SER A 42 -8.49 2.18 8.05
N ASP A 43 -8.26 2.42 9.33
CA ASP A 43 -7.65 1.39 10.18
C ASP A 43 -8.50 0.13 10.24
N GLU A 44 -9.80 0.33 10.36
CA GLU A 44 -10.76 -0.76 10.43
C GLU A 44 -10.75 -1.53 9.13
N MET A 45 -10.87 -0.78 8.05
CA MET A 45 -10.86 -1.35 6.72
C MET A 45 -9.50 -1.98 6.48
N TYR A 46 -8.45 -1.34 7.00
CA TYR A 46 -7.10 -1.84 6.88
C TYR A 46 -6.94 -3.09 7.72
N GLU A 47 -7.67 -3.14 8.83
CA GLU A 47 -7.63 -4.28 9.72
C GLU A 47 -8.32 -5.49 9.10
N ILE A 48 -9.40 -5.23 8.37
CA ILE A 48 -10.16 -6.31 7.74
C ILE A 48 -9.28 -7.14 6.81
N LEU A 49 -8.37 -6.50 6.07
CA LEU A 49 -7.49 -7.24 5.18
C LEU A 49 -6.48 -8.02 5.99
N SER A 50 -6.00 -7.37 7.04
CA SER A 50 -5.00 -7.96 7.93
C SER A 50 -5.57 -9.12 8.75
N ASN A 51 -6.89 -9.18 8.86
CA ASN A 51 -7.57 -10.24 9.61
C ASN A 51 -8.02 -11.35 8.67
N LEU A 52 -8.20 -11.00 7.40
CA LEU A 52 -8.62 -11.93 6.38
C LEU A 52 -7.57 -12.99 6.14
N PRO A 53 -8.00 -14.08 5.50
CA PRO A 53 -7.14 -15.22 5.18
C PRO A 53 -6.37 -15.02 3.88
N GLU A 54 -6.32 -13.77 3.40
CA GLU A 54 -5.61 -13.41 2.17
C GLU A 54 -6.50 -13.60 0.93
N SER A 55 -7.78 -13.90 1.16
CA SER A 55 -8.71 -14.09 0.06
C SER A 55 -8.82 -12.82 -0.78
N VAL A 56 -8.69 -11.66 -0.13
CA VAL A 56 -8.76 -10.40 -0.81
C VAL A 56 -7.42 -10.07 -1.43
N ALA A 57 -7.40 -8.93 -2.06
CA ALA A 57 -6.20 -8.42 -2.71
C ALA A 57 -6.16 -6.90 -2.61
N TYR A 58 -5.04 -6.34 -2.18
CA TYR A 58 -4.92 -4.90 -2.08
C TYR A 58 -4.25 -4.37 -3.32
N THR A 59 -4.99 -3.59 -4.08
CA THR A 59 -4.47 -3.04 -5.32
C THR A 59 -4.20 -1.55 -5.17
N CYS A 60 -3.03 -1.13 -5.61
CA CYS A 60 -2.61 0.25 -5.51
C CYS A 60 -3.33 1.10 -6.55
N VAL A 61 -3.38 2.39 -6.32
CA VAL A 61 -4.09 3.31 -7.21
C VAL A 61 -3.65 3.17 -8.66
N ASN A 62 -2.37 3.04 -8.91
CA ASN A 62 -1.88 2.92 -10.29
C ASN A 62 -2.41 1.66 -10.94
N CYS A 63 -2.41 0.58 -10.19
CA CYS A 63 -2.91 -0.68 -10.69
C CYS A 63 -4.41 -0.61 -10.89
N THR A 64 -5.07 0.03 -9.93
CA THR A 64 -6.51 0.20 -9.94
C THR A 64 -6.93 1.28 -10.93
N GLU A 65 -6.73 2.51 -10.53
CA GLU A 65 -7.07 3.67 -11.34
C GLU A 65 -6.63 4.96 -10.68
N ARG A 66 -5.85 5.76 -11.39
CA ARG A 66 -5.37 7.03 -10.86
C ARG A 66 -6.47 8.08 -10.82
N HIS A 67 -7.61 7.76 -11.42
CA HIS A 67 -8.74 8.68 -11.44
C HIS A 67 -10.05 7.92 -11.59
ZN ZN B . 1.95 8.97 0.77
ZN ZN C . -0.18 -2.23 -7.79
N GLY A 1 15.19 -10.13 -0.62
CA GLY A 1 16.58 -10.52 -0.24
C GLY A 1 17.57 -9.39 -0.36
N SER A 2 17.55 -8.71 -1.51
CA SER A 2 18.45 -7.59 -1.76
C SER A 2 17.73 -6.44 -2.46
N ALA A 3 18.06 -5.22 -2.05
CA ALA A 3 17.44 -4.03 -2.65
C ALA A 3 15.93 -4.07 -2.48
N LYS A 4 15.42 -3.26 -1.57
CA LYS A 4 13.99 -3.19 -1.31
C LYS A 4 13.53 -1.75 -1.19
N GLY A 5 13.00 -1.20 -2.29
CA GLY A 5 12.54 0.18 -2.27
C GLY A 5 11.03 0.25 -2.15
N ASN A 6 10.36 0.50 -3.27
CA ASN A 6 8.90 0.60 -3.28
C ASN A 6 8.45 1.85 -2.57
N PHE A 7 7.40 2.47 -3.10
CA PHE A 7 6.86 3.69 -2.52
C PHE A 7 5.46 4.01 -3.03
N CYS A 8 4.66 4.66 -2.19
CA CYS A 8 3.30 5.01 -2.55
C CYS A 8 3.28 5.84 -3.84
N PRO A 9 2.16 5.76 -4.58
CA PRO A 9 1.98 6.44 -5.88
C PRO A 9 1.42 7.86 -5.77
N LEU A 10 1.19 8.32 -4.55
CA LEU A 10 0.65 9.66 -4.32
C LEU A 10 1.73 10.60 -3.79
N CYS A 11 2.29 10.24 -2.64
CA CYS A 11 3.33 11.03 -1.99
C CYS A 11 4.41 10.14 -1.40
N ASP A 12 3.99 9.15 -0.60
CA ASP A 12 4.90 8.21 0.03
C ASP A 12 6.06 8.91 0.70
N LYS A 13 5.82 10.13 1.14
CA LYS A 13 6.84 10.90 1.82
C LYS A 13 8.07 11.12 0.95
N CYS A 14 8.62 12.33 1.04
CA CYS A 14 9.81 12.68 0.26
C CYS A 14 11.02 11.94 0.80
N TYR A 15 11.08 10.64 0.54
CA TYR A 15 12.18 9.78 0.99
C TYR A 15 11.93 9.32 2.42
N ASP A 16 11.43 10.24 3.22
CA ASP A 16 11.13 9.97 4.63
C ASP A 16 12.30 9.31 5.34
N ASP A 17 12.12 9.09 6.64
CA ASP A 17 13.15 8.48 7.46
C ASP A 17 12.58 7.34 8.31
N ASP A 18 11.26 7.19 8.29
CA ASP A 18 10.60 6.15 9.06
C ASP A 18 9.77 5.26 8.15
N ASP A 19 10.34 4.90 7.01
CA ASP A 19 9.66 4.04 6.03
C ASP A 19 9.41 2.64 6.60
N TYR A 20 10.15 2.31 7.66
CA TYR A 20 10.02 1.01 8.31
C TYR A 20 8.69 0.92 9.02
N GLU A 21 8.46 1.91 9.84
CA GLU A 21 7.22 2.02 10.60
C GLU A 21 6.15 2.69 9.76
N SER A 22 6.52 3.07 8.53
CA SER A 22 5.59 3.72 7.63
C SER A 22 4.51 2.73 7.21
N LYS A 23 3.37 2.82 7.89
CA LYS A 23 2.25 1.93 7.60
C LYS A 23 1.89 1.95 6.12
N MET A 24 2.50 1.05 5.36
CA MET A 24 2.23 0.98 3.91
C MET A 24 1.44 -0.28 3.57
N MET A 25 0.82 -0.28 2.39
CA MET A 25 0.03 -1.42 1.92
C MET A 25 0.71 -2.15 0.77
N GLN A 26 0.80 -3.46 0.87
CA GLN A 26 1.41 -4.26 -0.18
C GLN A 26 0.39 -4.62 -1.26
N CYS A 27 0.54 -4.02 -2.44
CA CYS A 27 -0.38 -4.28 -3.53
C CYS A 27 -0.32 -5.76 -3.94
N GLY A 28 -1.37 -6.24 -4.60
CA GLY A 28 -1.40 -7.62 -5.03
C GLY A 28 -1.08 -7.78 -6.50
N LYS A 29 -1.19 -6.69 -7.24
CA LYS A 29 -0.93 -6.68 -8.67
C LYS A 29 0.57 -6.45 -8.93
N CYS A 30 1.08 -5.32 -8.42
CA CYS A 30 2.50 -4.99 -8.59
C CYS A 30 3.24 -5.11 -7.26
N ASP A 31 2.51 -5.53 -6.22
CA ASP A 31 3.08 -5.71 -4.90
C ASP A 31 3.68 -4.42 -4.35
N ARG A 32 3.36 -3.29 -4.98
CA ARG A 32 3.89 -2.01 -4.53
C ARG A 32 3.27 -1.58 -3.21
N TRP A 33 4.06 -0.88 -2.42
CA TRP A 33 3.59 -0.39 -1.13
C TRP A 33 2.92 0.97 -1.24
N VAL A 34 1.65 1.05 -0.84
CA VAL A 34 0.92 2.31 -0.89
C VAL A 34 0.67 2.81 0.53
N HIS A 35 0.71 4.12 0.72
CA HIS A 35 0.52 4.70 2.03
C HIS A 35 -0.84 4.32 2.60
N SER A 36 -0.83 3.66 3.73
CA SER A 36 -2.06 3.25 4.38
C SER A 36 -2.92 4.46 4.72
N LYS A 37 -2.28 5.48 5.28
CA LYS A 37 -2.99 6.69 5.68
C LYS A 37 -3.26 7.61 4.48
N CYS A 38 -2.23 7.85 3.67
CA CYS A 38 -2.37 8.72 2.51
C CYS A 38 -3.37 8.16 1.50
N GLU A 39 -3.38 6.83 1.35
CA GLU A 39 -4.30 6.19 0.41
C GLU A 39 -5.73 6.22 0.94
N ASN A 40 -5.96 6.93 2.05
CA ASN A 40 -7.29 7.04 2.64
C ASN A 40 -7.78 5.70 3.16
N LEU A 41 -6.85 4.85 3.58
CA LEU A 41 -7.20 3.53 4.10
C LEU A 41 -7.58 3.60 5.57
N SER A 42 -8.85 3.37 5.89
CA SER A 42 -9.28 3.39 7.28
C SER A 42 -8.62 2.24 8.03
N ASP A 43 -8.34 2.42 9.31
CA ASP A 43 -7.69 1.39 10.10
C ASP A 43 -8.53 0.13 10.19
N GLU A 44 -9.82 0.32 10.39
CA GLU A 44 -10.76 -0.78 10.49
C GLU A 44 -10.84 -1.53 9.19
N MET A 45 -11.03 -0.77 8.14
CA MET A 45 -11.11 -1.34 6.81
C MET A 45 -9.76 -1.94 6.46
N TYR A 46 -8.69 -1.29 6.92
CA TYR A 46 -7.35 -1.79 6.71
C TYR A 46 -7.14 -3.05 7.53
N GLU A 47 -7.80 -3.11 8.67
CA GLU A 47 -7.70 -4.26 9.57
C GLU A 47 -8.42 -5.46 8.99
N ILE A 48 -9.53 -5.20 8.32
CA ILE A 48 -10.32 -6.28 7.73
C ILE A 48 -9.49 -7.11 6.75
N LEU A 49 -8.63 -6.45 5.97
CA LEU A 49 -7.79 -7.20 5.03
C LEU A 49 -6.73 -7.98 5.79
N SER A 50 -6.19 -7.33 6.79
CA SER A 50 -5.15 -7.91 7.64
C SER A 50 -5.68 -9.04 8.51
N ASN A 51 -7.00 -9.11 8.65
CA ASN A 51 -7.65 -10.14 9.45
C ASN A 51 -8.15 -11.27 8.54
N LEU A 52 -8.37 -10.93 7.28
CA LEU A 52 -8.84 -11.89 6.30
C LEU A 52 -7.79 -12.96 6.06
N PRO A 53 -8.24 -14.07 5.47
CA PRO A 53 -7.39 -15.21 5.15
C PRO A 53 -6.65 -15.00 3.84
N GLU A 54 -6.13 -13.79 3.66
CA GLU A 54 -5.40 -13.42 2.46
C GLU A 54 -6.15 -13.80 1.18
N SER A 55 -7.47 -13.93 1.30
CA SER A 55 -8.29 -14.28 0.15
C SER A 55 -8.46 -13.06 -0.75
N VAL A 56 -8.42 -11.87 -0.14
CA VAL A 56 -8.53 -10.63 -0.86
C VAL A 56 -7.18 -10.24 -1.41
N ALA A 57 -7.18 -9.11 -2.07
CA ALA A 57 -5.97 -8.55 -2.64
C ALA A 57 -6.00 -7.03 -2.61
N TYR A 58 -4.94 -6.41 -2.10
CA TYR A 58 -4.89 -4.96 -2.05
C TYR A 58 -4.27 -4.42 -3.31
N THR A 59 -5.03 -3.63 -4.05
CA THR A 59 -4.54 -3.06 -5.29
C THR A 59 -4.28 -1.57 -5.13
N CYS A 60 -3.10 -1.15 -5.58
CA CYS A 60 -2.70 0.24 -5.48
C CYS A 60 -3.44 1.08 -6.52
N VAL A 61 -3.42 2.39 -6.32
CA VAL A 61 -4.12 3.31 -7.21
C VAL A 61 -3.75 3.11 -8.69
N ASN A 62 -2.46 2.92 -8.96
CA ASN A 62 -2.00 2.75 -10.35
C ASN A 62 -2.60 1.50 -10.96
N CYS A 63 -2.58 0.42 -10.22
CA CYS A 63 -3.14 -0.84 -10.68
C CYS A 63 -4.65 -0.72 -10.75
N THR A 64 -5.19 -0.05 -9.74
CA THR A 64 -6.63 0.16 -9.65
C THR A 64 -7.09 1.22 -10.65
N GLU A 65 -6.15 1.92 -11.26
CA GLU A 65 -6.45 2.95 -12.25
C GLU A 65 -7.38 4.02 -11.67
N ARG A 66 -7.51 5.13 -12.39
CA ARG A 66 -8.35 6.23 -11.96
C ARG A 66 -7.85 6.83 -10.65
N HIS A 67 -8.30 8.04 -10.35
CA HIS A 67 -7.89 8.72 -9.13
C HIS A 67 -8.76 8.27 -7.95
ZN ZN B . 1.59 8.57 0.21
ZN ZN C . -0.26 -2.24 -7.85
N GLY A 1 18.78 7.21 -5.53
CA GLY A 1 17.53 7.71 -4.88
C GLY A 1 17.08 6.89 -3.68
N SER A 2 18.02 6.16 -3.07
CA SER A 2 17.70 5.33 -1.91
C SER A 2 16.67 4.27 -2.27
N ALA A 3 17.15 3.16 -2.82
CA ALA A 3 16.28 2.06 -3.21
C ALA A 3 15.27 2.52 -4.26
N LYS A 4 14.49 1.57 -4.77
CA LYS A 4 13.49 1.87 -5.79
C LYS A 4 12.51 0.71 -5.95
N GLY A 5 11.23 0.99 -5.74
CA GLY A 5 10.22 -0.04 -5.86
C GLY A 5 9.27 -0.04 -4.69
N ASN A 6 7.98 -0.09 -4.98
CA ASN A 6 6.98 -0.11 -3.93
C ASN A 6 7.02 1.18 -3.11
N PHE A 7 6.03 2.05 -3.33
CA PHE A 7 5.95 3.31 -2.61
C PHE A 7 4.62 4.01 -2.85
N CYS A 8 4.20 4.81 -1.87
CA CYS A 8 2.94 5.56 -1.96
C CYS A 8 2.98 6.49 -3.17
N PRO A 9 2.10 6.26 -4.16
CA PRO A 9 2.04 7.07 -5.37
C PRO A 9 1.50 8.48 -5.12
N LEU A 10 1.11 8.75 -3.88
CA LEU A 10 0.57 10.04 -3.51
C LEU A 10 1.69 10.96 -3.00
N CYS A 11 2.50 10.45 -2.07
CA CYS A 11 3.59 11.21 -1.49
C CYS A 11 4.67 10.27 -0.93
N ASP A 12 4.23 9.20 -0.28
CA ASP A 12 5.13 8.21 0.30
C ASP A 12 6.21 8.86 1.15
N LYS A 13 5.90 10.05 1.67
CA LYS A 13 6.84 10.78 2.50
C LYS A 13 8.10 11.16 1.72
N CYS A 14 8.18 10.76 0.45
CA CYS A 14 9.33 11.08 -0.39
C CYS A 14 10.49 10.12 -0.10
N TYR A 15 10.70 9.16 -0.99
CA TYR A 15 11.76 8.16 -0.85
C TYR A 15 11.34 7.05 0.09
N ASP A 16 10.72 7.44 1.18
CA ASP A 16 10.24 6.51 2.18
C ASP A 16 11.37 5.58 2.66
N ASP A 17 12.02 5.98 3.74
CA ASP A 17 13.12 5.21 4.31
C ASP A 17 12.60 4.28 5.41
N ASP A 18 11.32 4.41 5.75
CA ASP A 18 10.72 3.57 6.79
C ASP A 18 9.30 3.18 6.41
N ASP A 19 9.12 2.72 5.18
CA ASP A 19 7.80 2.31 4.69
C ASP A 19 7.27 1.09 5.44
N TYR A 20 8.15 0.41 6.18
CA TYR A 20 7.75 -0.76 6.95
C TYR A 20 6.88 -0.34 8.11
N GLU A 21 7.25 0.77 8.70
CA GLU A 21 6.53 1.33 9.82
C GLU A 21 5.75 2.58 9.39
N SER A 22 5.96 3.00 8.14
CA SER A 22 5.27 4.17 7.60
C SER A 22 3.80 3.90 7.37
N LYS A 23 3.33 2.72 7.79
CA LYS A 23 1.94 2.35 7.63
C LYS A 23 1.54 2.25 6.17
N MET A 24 2.24 1.40 5.42
CA MET A 24 1.95 1.22 4.01
C MET A 24 1.32 -0.15 3.76
N MET A 25 0.66 -0.29 2.62
CA MET A 25 0.02 -1.56 2.25
C MET A 25 0.75 -2.22 1.10
N GLN A 26 0.67 -3.54 1.05
CA GLN A 26 1.31 -4.32 -0.01
C GLN A 26 0.35 -4.59 -1.15
N CYS A 27 0.58 -3.97 -2.31
CA CYS A 27 -0.28 -4.17 -3.46
C CYS A 27 -0.21 -5.61 -3.94
N GLY A 28 -1.24 -6.07 -4.65
CA GLY A 28 -1.26 -7.44 -5.15
C GLY A 28 -0.90 -7.53 -6.61
N LYS A 29 -0.99 -6.40 -7.30
CA LYS A 29 -0.68 -6.34 -8.72
C LYS A 29 0.82 -6.11 -8.94
N CYS A 30 1.36 -5.04 -8.36
CA CYS A 30 2.77 -4.74 -8.48
C CYS A 30 3.49 -4.95 -7.15
N ASP A 31 2.73 -5.42 -6.16
CA ASP A 31 3.27 -5.67 -4.82
C ASP A 31 3.92 -4.43 -4.22
N ARG A 32 3.61 -3.27 -4.78
CA ARG A 32 4.15 -2.02 -4.27
C ARG A 32 3.46 -1.61 -2.97
N TRP A 33 4.21 -0.92 -2.12
CA TRP A 33 3.71 -0.47 -0.85
C TRP A 33 3.08 0.91 -0.99
N VAL A 34 1.82 1.02 -0.61
CA VAL A 34 1.10 2.28 -0.68
C VAL A 34 0.79 2.80 0.72
N HIS A 35 0.93 4.10 0.92
CA HIS A 35 0.67 4.70 2.23
C HIS A 35 -0.76 4.45 2.66
N SER A 36 -0.92 3.78 3.79
CA SER A 36 -2.24 3.46 4.31
C SER A 36 -3.09 4.71 4.53
N LYS A 37 -2.54 5.69 5.22
CA LYS A 37 -3.27 6.92 5.51
C LYS A 37 -3.48 7.76 4.25
N CYS A 38 -2.45 7.80 3.40
CA CYS A 38 -2.52 8.58 2.17
C CYS A 38 -3.54 7.99 1.20
N GLU A 39 -3.55 6.67 1.09
CA GLU A 39 -4.49 6.00 0.20
C GLU A 39 -5.90 5.95 0.80
N ASN A 40 -6.14 6.81 1.79
CA ASN A 40 -7.44 6.89 2.44
C ASN A 40 -7.83 5.54 3.03
N LEU A 41 -6.84 4.76 3.46
CA LEU A 41 -7.09 3.45 4.05
C LEU A 41 -7.46 3.55 5.53
N SER A 42 -8.74 3.36 5.85
CA SER A 42 -9.19 3.41 7.24
C SER A 42 -8.55 2.26 8.03
N ASP A 43 -8.31 2.47 9.31
CA ASP A 43 -7.69 1.44 10.14
C ASP A 43 -8.56 0.19 10.21
N GLU A 44 -9.85 0.38 10.35
CA GLU A 44 -10.80 -0.71 10.42
C GLU A 44 -10.82 -1.47 9.11
N MET A 45 -10.95 -0.71 8.05
CA MET A 45 -10.96 -1.28 6.72
C MET A 45 -9.60 -1.90 6.45
N TYR A 46 -8.55 -1.27 6.97
CA TYR A 46 -7.18 -1.76 6.84
C TYR A 46 -7.02 -3.03 7.68
N GLU A 47 -7.75 -3.08 8.78
CA GLU A 47 -7.70 -4.23 9.67
C GLU A 47 -8.38 -5.45 9.05
N ILE A 48 -9.47 -5.18 8.32
CA ILE A 48 -10.22 -6.25 7.69
C ILE A 48 -9.34 -7.07 6.76
N LEU A 49 -8.46 -6.41 6.00
CA LEU A 49 -7.56 -7.15 5.11
C LEU A 49 -6.55 -7.92 5.93
N SER A 50 -6.05 -7.26 6.97
CA SER A 50 -5.06 -7.82 7.86
C SER A 50 -5.62 -8.95 8.73
N ASN A 51 -6.96 -9.03 8.80
CA ASN A 51 -7.61 -10.07 9.58
C ASN A 51 -8.01 -11.23 8.68
N LEU A 52 -8.16 -10.93 7.39
CA LEU A 52 -8.53 -11.92 6.41
C LEU A 52 -7.41 -12.93 6.24
N PRO A 53 -7.74 -14.07 5.65
CA PRO A 53 -6.80 -15.15 5.40
C PRO A 53 -5.99 -14.94 4.12
N GLU A 54 -6.02 -13.70 3.60
CA GLU A 54 -5.29 -13.32 2.38
C GLU A 54 -6.10 -13.63 1.13
N SER A 55 -7.38 -13.94 1.31
CA SER A 55 -8.24 -14.24 0.17
C SER A 55 -8.38 -13.00 -0.72
N VAL A 56 -8.33 -11.82 -0.10
CA VAL A 56 -8.44 -10.58 -0.81
C VAL A 56 -7.10 -10.20 -1.40
N ALA A 57 -7.10 -9.07 -2.07
CA ALA A 57 -5.91 -8.52 -2.68
C ALA A 57 -5.95 -7.01 -2.66
N TYR A 58 -4.88 -6.37 -2.19
CA TYR A 58 -4.85 -4.93 -2.15
C TYR A 58 -4.15 -4.41 -3.39
N THR A 59 -4.88 -3.64 -4.17
CA THR A 59 -4.34 -3.09 -5.40
C THR A 59 -4.08 -1.60 -5.24
N CYS A 60 -2.90 -1.16 -5.65
CA CYS A 60 -2.52 0.23 -5.54
C CYS A 60 -3.23 1.05 -6.60
N VAL A 61 -3.39 2.33 -6.31
CA VAL A 61 -4.09 3.23 -7.20
C VAL A 61 -3.57 3.21 -8.64
N ASN A 62 -2.27 3.17 -8.82
CA ASN A 62 -1.71 3.16 -10.16
C ASN A 62 -2.08 1.89 -10.91
N CYS A 63 -2.07 0.78 -10.21
CA CYS A 63 -2.42 -0.51 -10.80
C CYS A 63 -3.90 -0.53 -11.14
N THR A 64 -4.69 0.02 -10.23
CA THR A 64 -6.12 0.08 -10.39
C THR A 64 -6.52 1.14 -11.42
N GLU A 65 -6.83 2.33 -10.94
CA GLU A 65 -7.23 3.44 -11.81
C GLU A 65 -8.66 3.25 -12.31
N ARG A 66 -9.60 3.92 -11.66
CA ARG A 66 -11.02 3.82 -12.04
C ARG A 66 -11.30 4.68 -13.27
N HIS A 67 -11.02 5.98 -13.15
CA HIS A 67 -11.24 6.91 -14.25
C HIS A 67 -10.05 6.95 -15.19
ZN ZN B . 1.91 9.00 1.13
ZN ZN C . 0.15 -2.06 -7.71
N GLY A 1 17.79 -10.06 -9.81
CA GLY A 1 17.26 -9.51 -8.53
C GLY A 1 16.71 -8.10 -8.68
N SER A 2 16.77 -7.33 -7.60
CA SER A 2 16.28 -5.96 -7.61
C SER A 2 14.80 -5.90 -7.97
N ALA A 3 13.96 -5.94 -6.95
CA ALA A 3 12.51 -5.89 -7.14
C ALA A 3 11.83 -5.07 -6.05
N LYS A 4 12.42 -5.08 -4.86
CA LYS A 4 11.89 -4.34 -3.72
C LYS A 4 11.80 -2.85 -4.02
N GLY A 5 11.23 -2.10 -3.07
CA GLY A 5 11.10 -0.67 -3.24
C GLY A 5 9.78 -0.15 -2.68
N ASN A 6 9.75 0.09 -1.37
CA ASN A 6 8.55 0.59 -0.71
C ASN A 6 8.34 2.06 -1.02
N PHE A 7 7.32 2.35 -1.82
CA PHE A 7 7.03 3.73 -2.17
C PHE A 7 5.60 3.89 -2.70
N CYS A 8 4.77 4.61 -1.96
CA CYS A 8 3.39 4.85 -2.32
C CYS A 8 3.30 5.48 -3.72
N PRO A 9 2.11 5.47 -4.32
CA PRO A 9 1.85 5.96 -5.67
C PRO A 9 1.34 7.40 -5.75
N LEU A 10 1.18 8.04 -4.60
CA LEU A 10 0.70 9.42 -4.56
C LEU A 10 1.81 10.35 -4.07
N CYS A 11 2.39 10.00 -2.92
CA CYS A 11 3.45 10.77 -2.29
C CYS A 11 4.47 9.87 -1.62
N ASP A 12 4.04 9.17 -0.58
CA ASP A 12 4.89 8.26 0.16
C ASP A 12 5.98 8.99 0.93
N LYS A 13 5.62 10.15 1.47
CA LYS A 13 6.56 10.95 2.23
C LYS A 13 7.73 11.39 1.35
N CYS A 14 8.23 12.59 1.60
CA CYS A 14 9.35 13.13 0.84
C CYS A 14 10.65 12.37 1.15
N TYR A 15 10.92 11.34 0.35
CA TYR A 15 12.09 10.48 0.53
C TYR A 15 11.82 9.46 1.61
N ASP A 16 11.14 9.91 2.65
CA ASP A 16 10.75 9.09 3.78
C ASP A 16 11.89 8.19 4.26
N ASP A 17 12.51 8.61 5.35
CA ASP A 17 13.61 7.86 5.93
C ASP A 17 13.08 6.85 6.94
N ASP A 18 11.77 6.87 7.20
CA ASP A 18 11.15 5.95 8.14
C ASP A 18 10.17 5.02 7.44
N ASP A 19 10.55 4.54 6.26
CA ASP A 19 9.72 3.64 5.49
C ASP A 19 9.52 2.30 6.20
N TYR A 20 10.35 2.05 7.22
CA TYR A 20 10.26 0.83 8.00
C TYR A 20 9.01 0.86 8.85
N GLU A 21 8.76 2.03 9.39
CA GLU A 21 7.59 2.27 10.21
C GLU A 21 6.48 2.89 9.37
N SER A 22 6.79 3.16 8.10
CA SER A 22 5.81 3.75 7.20
C SER A 22 4.68 2.78 6.91
N LYS A 23 3.59 2.94 7.63
CA LYS A 23 2.42 2.08 7.49
C LYS A 23 1.91 2.07 6.05
N MET A 24 2.49 1.20 5.23
CA MET A 24 2.09 1.08 3.83
C MET A 24 1.47 -0.28 3.55
N MET A 25 0.77 -0.40 2.43
CA MET A 25 0.13 -1.65 2.06
C MET A 25 0.81 -2.31 0.86
N GLN A 26 0.74 -3.62 0.81
CA GLN A 26 1.33 -4.40 -0.28
C GLN A 26 0.30 -4.71 -1.37
N CYS A 27 0.46 -4.09 -2.54
CA CYS A 27 -0.45 -4.32 -3.64
C CYS A 27 -0.43 -5.80 -4.06
N GLY A 28 -1.49 -6.25 -4.71
CA GLY A 28 -1.55 -7.64 -5.14
C GLY A 28 -1.24 -7.80 -6.62
N LYS A 29 -1.32 -6.71 -7.35
CA LYS A 29 -1.04 -6.72 -8.78
C LYS A 29 0.44 -6.51 -9.04
N CYS A 30 0.99 -5.42 -8.52
CA CYS A 30 2.40 -5.11 -8.71
C CYS A 30 3.18 -5.27 -7.39
N ASP A 31 2.45 -5.61 -6.32
CA ASP A 31 3.06 -5.80 -5.02
C ASP A 31 3.69 -4.52 -4.49
N ARG A 32 3.33 -3.39 -5.09
CA ARG A 32 3.88 -2.11 -4.66
C ARG A 32 3.27 -1.68 -3.34
N TRP A 33 4.08 -1.01 -2.53
CA TRP A 33 3.63 -0.55 -1.23
C TRP A 33 2.96 0.81 -1.34
N VAL A 34 1.70 0.90 -0.89
CA VAL A 34 0.97 2.15 -0.93
C VAL A 34 0.74 2.68 0.48
N HIS A 35 0.71 4.00 0.63
CA HIS A 35 0.52 4.63 1.91
C HIS A 35 -0.83 4.26 2.51
N SER A 36 -0.80 3.63 3.67
CA SER A 36 -2.02 3.24 4.36
C SER A 36 -2.89 4.45 4.67
N LYS A 37 -2.27 5.49 5.21
CA LYS A 37 -2.98 6.70 5.59
C LYS A 37 -3.23 7.60 4.39
N CYS A 38 -2.21 7.82 3.58
CA CYS A 38 -2.34 8.69 2.42
C CYS A 38 -3.35 8.13 1.41
N GLU A 39 -3.38 6.80 1.27
CA GLU A 39 -4.32 6.16 0.35
C GLU A 39 -5.75 6.17 0.92
N ASN A 40 -5.97 6.91 2.01
CA ASN A 40 -7.29 7.01 2.62
C ASN A 40 -7.75 5.65 3.16
N LEU A 41 -6.80 4.80 3.54
CA LEU A 41 -7.12 3.48 4.08
C LEU A 41 -7.44 3.56 5.57
N SER A 42 -8.71 3.41 5.93
CA SER A 42 -9.10 3.43 7.35
C SER A 42 -8.43 2.27 8.08
N ASP A 43 -8.13 2.46 9.35
CA ASP A 43 -7.48 1.42 10.15
C ASP A 43 -8.34 0.16 10.22
N GLU A 44 -9.62 0.36 10.40
CA GLU A 44 -10.57 -0.73 10.48
C GLU A 44 -10.64 -1.46 9.17
N MET A 45 -10.81 -0.68 8.13
CA MET A 45 -10.88 -1.22 6.78
C MET A 45 -9.54 -1.85 6.45
N TYR A 46 -8.47 -1.23 6.95
CA TYR A 46 -7.12 -1.74 6.76
C TYR A 46 -6.93 -3.03 7.56
N GLU A 47 -7.60 -3.08 8.71
CA GLU A 47 -7.54 -4.24 9.60
C GLU A 47 -8.25 -5.43 8.99
N ILE A 48 -9.36 -5.15 8.30
CA ILE A 48 -10.15 -6.22 7.69
C ILE A 48 -9.30 -7.04 6.72
N LEU A 49 -8.45 -6.39 5.93
CA LEU A 49 -7.60 -7.12 4.99
C LEU A 49 -6.54 -7.89 5.75
N SER A 50 -5.97 -7.23 6.74
CA SER A 50 -4.92 -7.81 7.58
C SER A 50 -5.46 -8.93 8.47
N ASN A 51 -6.78 -8.99 8.61
CA ASN A 51 -7.43 -10.01 9.42
C ASN A 51 -7.92 -11.15 8.54
N LEU A 52 -8.15 -10.83 7.27
CA LEU A 52 -8.61 -11.80 6.30
C LEU A 52 -7.56 -12.87 6.08
N PRO A 53 -8.00 -13.99 5.50
CA PRO A 53 -7.14 -15.13 5.23
C PRO A 53 -6.37 -14.99 3.92
N GLU A 54 -6.32 -13.76 3.40
CA GLU A 54 -5.61 -13.44 2.16
C GLU A 54 -6.47 -13.70 0.93
N SER A 55 -7.76 -13.93 1.14
CA SER A 55 -8.66 -14.19 0.03
C SER A 55 -8.80 -12.93 -0.83
N VAL A 56 -8.69 -11.77 -0.20
CA VAL A 56 -8.78 -10.52 -0.90
C VAL A 56 -7.45 -10.16 -1.51
N ALA A 57 -7.43 -9.01 -2.13
CA ALA A 57 -6.24 -8.48 -2.77
C ALA A 57 -6.23 -6.96 -2.68
N TYR A 58 -5.11 -6.40 -2.26
CA TYR A 58 -5.02 -4.95 -2.18
C TYR A 58 -4.37 -4.42 -3.44
N THR A 59 -5.13 -3.63 -4.18
CA THR A 59 -4.63 -3.07 -5.42
C THR A 59 -4.35 -1.58 -5.27
N CYS A 60 -3.16 -1.17 -5.71
CA CYS A 60 -2.75 0.21 -5.60
C CYS A 60 -3.47 1.08 -6.62
N VAL A 61 -3.42 2.38 -6.40
CA VAL A 61 -4.11 3.33 -7.28
C VAL A 61 -3.76 3.15 -8.75
N ASN A 62 -2.50 2.92 -9.06
CA ASN A 62 -2.07 2.76 -10.45
C ASN A 62 -2.68 1.51 -11.06
N CYS A 63 -2.65 0.43 -10.31
CA CYS A 63 -3.22 -0.82 -10.77
C CYS A 63 -4.74 -0.69 -10.82
N THR A 64 -5.26 -0.01 -9.82
CA THR A 64 -6.70 0.21 -9.70
C THR A 64 -7.17 1.28 -10.70
N GLU A 65 -6.21 1.94 -11.35
CA GLU A 65 -6.51 2.97 -12.36
C GLU A 65 -7.58 3.95 -11.87
N ARG A 66 -7.13 5.12 -11.44
CA ARG A 66 -8.04 6.15 -10.96
C ARG A 66 -8.79 6.80 -12.12
N HIS A 67 -8.32 6.56 -13.35
CA HIS A 67 -8.96 7.11 -14.54
C HIS A 67 -10.24 6.36 -14.87
ZN ZN B . 1.60 8.63 0.10
ZN ZN C . -0.33 -2.25 -7.92
#